data_5EFN
#
_entry.id   5EFN
#
_cell.length_a   54.997
_cell.length_b   83.908
_cell.length_c   86.903
_cell.angle_alpha   90.00
_cell.angle_beta   98.12
_cell.angle_gamma   90.00
#
_symmetry.space_group_name_H-M   'P 1 21 1'
#
loop_
_entity.id
_entity.type
_entity.pdbx_description
1 polymer 'Hdac6 protein'
2 polymer 'histone H4 tripeptide'
3 non-polymer 'ZINC ION'
4 non-polymer 'POTASSIUM ION'
5 non-polymer 1,2-ETHANEDIOL
6 non-polymer 7-AMINO-4-METHYL-CHROMEN-2-ONE
7 water water
#
loop_
_entity_poly.entity_id
_entity_poly.type
_entity_poly.pdbx_seq_one_letter_code
_entity_poly.pdbx_strand_id
1 'polypeptide(L)'
;SNAGGSSPITGLVYDQRMMLHHNMWDSHHPELPQRISRIFSRHEELRLLSRCHRIPARLATEEELALCHSSKHISIIKSS
EHMKPRDLNRLGDEYNSIFISNESYTCALLAAGSCFNSAQAILTGQVRNAVAIVRPPGHAAEKDTACGFCFFNTAALTAR
YAQSITRESLRVLIVDWDVHHGNGTQHIFEEDDSVLYISLHRYEDGAFFPNSEDANYDKVGLGKGRGYNVNIPWNGGKMG
DPEYMAAFHHLVMPIAREFAPELVLVSAGFDAARGDPLGGFQVTPEGYAHLTHQLMSLAAGRVLIILEGGYNLTSISESM
SMCTSMLLGDSPPSLDHLTPLKTSATVSINNVLRAHAPFWSSLR
;
B,A
2 'polypeptide(L)' RG(5OL) F,E
#
# COMPACT_ATOMS: atom_id res chain seq x y z
N PRO A 8 -15.48 -9.59 -23.51
CA PRO A 8 -14.09 -9.80 -23.09
C PRO A 8 -13.95 -10.23 -21.63
N ILE A 9 -13.01 -11.14 -21.38
CA ILE A 9 -12.71 -11.56 -20.01
C ILE A 9 -11.20 -11.38 -19.78
N THR A 10 -10.83 -11.00 -18.56
CA THR A 10 -9.44 -10.86 -18.16
C THR A 10 -9.06 -11.99 -17.20
N GLY A 11 -7.97 -12.69 -17.51
CA GLY A 11 -7.46 -13.73 -16.62
C GLY A 11 -6.48 -13.16 -15.60
N LEU A 12 -6.35 -13.83 -14.45
CA LEU A 12 -5.36 -13.46 -13.44
C LEU A 12 -4.78 -14.72 -12.82
N VAL A 13 -3.46 -14.80 -12.72
CA VAL A 13 -2.86 -15.92 -11.99
C VAL A 13 -2.03 -15.40 -10.82
N TYR A 14 -2.18 -16.07 -9.67
CA TYR A 14 -1.40 -15.73 -8.49
C TYR A 14 -1.36 -16.96 -7.59
N ASP A 15 -0.18 -17.30 -7.08
CA ASP A 15 -0.06 -18.42 -6.15
C ASP A 15 0.91 -18.06 -5.04
N GLN A 16 0.45 -18.12 -3.79
CA GLN A 16 1.28 -17.70 -2.66
C GLN A 16 2.51 -18.57 -2.48
N ARG A 17 2.54 -19.74 -3.11
CA ARG A 17 3.74 -20.58 -3.06
C ARG A 17 4.97 -19.90 -3.65
N MET A 18 4.79 -18.92 -4.53
CA MET A 18 5.95 -18.25 -5.12
C MET A 18 6.60 -17.30 -4.12
N MET A 19 5.97 -17.11 -2.96
CA MET A 19 6.58 -16.32 -1.88
C MET A 19 7.71 -17.07 -1.20
N LEU A 20 7.82 -18.37 -1.43
CA LEU A 20 8.77 -19.18 -0.65
C LEU A 20 10.25 -18.96 -1.03
N HIS A 21 10.51 -18.51 -2.27
CA HIS A 21 11.84 -18.08 -2.70
C HIS A 21 12.27 -16.92 -1.78
N HIS A 22 13.39 -17.05 -1.07
CA HIS A 22 13.79 -16.00 -0.14
C HIS A 22 15.30 -15.93 0.03
N ASN A 23 15.77 -14.79 0.52
CA ASN A 23 17.19 -14.52 0.74
C ASN A 23 17.58 -14.85 2.17
N MET A 24 18.31 -15.94 2.34
CA MET A 24 18.66 -16.45 3.65
C MET A 24 19.74 -15.62 4.34
N TRP A 25 20.42 -14.77 3.58
CA TRP A 25 21.52 -14.03 4.21
CA TRP A 25 21.58 -14.01 4.07
C TRP A 25 21.23 -12.55 4.31
N ASP A 26 20.21 -12.07 3.61
CA ASP A 26 19.77 -10.68 3.71
C ASP A 26 18.26 -10.61 3.55
N SER A 27 17.54 -10.63 4.67
CA SER A 27 16.09 -10.72 4.61
C SER A 27 15.45 -9.43 4.09
N HIS A 28 16.26 -8.37 3.99
CA HIS A 28 15.78 -7.09 3.51
C HIS A 28 16.10 -6.83 2.03
N HIS A 29 16.61 -7.85 1.34
CA HIS A 29 16.91 -7.75 -0.08
C HIS A 29 15.63 -7.32 -0.81
N PRO A 30 15.74 -6.33 -1.71
CA PRO A 30 14.56 -5.72 -2.35
C PRO A 30 13.65 -6.69 -3.14
N GLU A 31 14.15 -7.82 -3.64
CA GLU A 31 13.28 -8.76 -4.35
C GLU A 31 12.57 -9.65 -3.32
N LEU A 32 11.61 -9.04 -2.61
CA LEU A 32 10.96 -9.63 -1.45
C LEU A 32 9.80 -10.54 -1.78
N PRO A 33 9.61 -11.60 -0.98
CA PRO A 33 8.40 -12.42 -1.09
C PRO A 33 7.11 -11.61 -1.13
N GLN A 34 7.03 -10.54 -0.34
CA GLN A 34 5.80 -9.78 -0.19
CA GLN A 34 5.77 -9.82 -0.21
C GLN A 34 5.48 -8.92 -1.41
N ARG A 35 6.37 -8.90 -2.40
CA ARG A 35 6.08 -8.16 -3.62
C ARG A 35 4.79 -8.69 -4.24
N ILE A 36 4.65 -10.02 -4.30
CA ILE A 36 3.49 -10.55 -5.00
C ILE A 36 2.24 -10.57 -4.12
N SER A 37 2.40 -10.83 -2.82
CA SER A 37 1.26 -10.81 -1.92
C SER A 37 0.69 -9.39 -1.77
N ARG A 38 1.55 -8.38 -1.78
CA ARG A 38 1.06 -7.00 -1.67
C ARG A 38 0.28 -6.61 -2.92
N ILE A 39 0.78 -7.01 -4.10
CA ILE A 39 0.07 -6.71 -5.33
C ILE A 39 -1.29 -7.41 -5.36
N PHE A 40 -1.31 -8.68 -4.95
CA PHE A 40 -2.56 -9.44 -4.95
C PHE A 40 -3.57 -8.80 -3.99
N SER A 41 -3.09 -8.39 -2.83
CA SER A 41 -3.95 -7.78 -1.81
CA SER A 41 -3.95 -7.79 -1.82
C SER A 41 -4.56 -6.49 -2.33
N ARG A 42 -3.80 -5.73 -3.10
CA ARG A 42 -4.30 -4.48 -3.66
C ARG A 42 -5.43 -4.76 -4.68
N HIS A 43 -5.30 -5.83 -5.47
CA HIS A 43 -6.34 -6.25 -6.41
C HIS A 43 -7.62 -6.59 -5.65
N GLU A 44 -7.49 -7.17 -4.46
CA GLU A 44 -8.65 -7.43 -3.60
C GLU A 44 -9.26 -6.13 -3.07
N GLU A 45 -8.42 -5.24 -2.54
CA GLU A 45 -8.89 -3.96 -2.02
C GLU A 45 -9.63 -3.12 -3.07
N LEU A 46 -9.13 -3.17 -4.31
CA LEU A 46 -9.71 -2.39 -5.40
C LEU A 46 -10.84 -3.14 -6.11
N ARG A 47 -11.16 -4.32 -5.59
CA ARG A 47 -12.24 -5.18 -6.09
C ARG A 47 -12.02 -5.61 -7.53
N LEU A 48 -10.74 -5.66 -7.92
CA LEU A 48 -10.37 -6.11 -9.25
C LEU A 48 -10.36 -7.63 -9.35
N LEU A 49 -10.02 -8.31 -8.26
CA LEU A 49 -9.83 -9.75 -8.30
C LEU A 49 -11.08 -10.50 -8.77
N SER A 50 -12.25 -10.11 -8.24
CA SER A 50 -13.47 -10.82 -8.56
C SER A 50 -13.96 -10.54 -9.99
N ARG A 51 -13.36 -9.54 -10.63
CA ARG A 51 -13.73 -9.17 -11.98
C ARG A 51 -12.96 -10.02 -12.99
N CYS A 52 -11.97 -10.75 -12.48
CA CYS A 52 -11.09 -11.55 -13.32
C CYS A 52 -11.45 -13.03 -13.25
N HIS A 53 -11.10 -13.75 -14.32
CA HIS A 53 -11.17 -15.20 -14.34
C HIS A 53 -9.88 -15.74 -13.74
N ARG A 54 -9.98 -16.51 -12.66
CA ARG A 54 -8.78 -16.98 -11.97
C ARG A 54 -8.17 -18.14 -12.75
N ILE A 55 -6.90 -18.01 -13.08
CA ILE A 55 -6.16 -19.04 -13.81
C ILE A 55 -5.23 -19.74 -12.83
N PRO A 56 -5.25 -21.09 -12.83
CA PRO A 56 -4.38 -21.85 -11.92
C PRO A 56 -2.90 -21.78 -12.28
N ALA A 57 -2.05 -21.67 -11.26
CA ALA A 57 -0.61 -21.81 -11.45
C ALA A 57 -0.26 -23.27 -11.69
N ARG A 58 0.85 -23.52 -12.35
CA ARG A 58 1.38 -24.87 -12.48
C ARG A 58 2.90 -24.81 -12.61
N LEU A 59 3.55 -25.94 -12.42
CA LEU A 59 4.99 -26.03 -12.66
C LEU A 59 5.25 -26.15 -14.15
N ALA A 60 6.20 -25.36 -14.63
CA ALA A 60 6.79 -25.60 -15.93
C ALA A 60 7.52 -26.93 -15.87
N THR A 61 7.56 -27.67 -16.97
CA THR A 61 8.31 -28.92 -17.02
C THR A 61 9.74 -28.65 -17.46
N GLU A 62 10.64 -29.59 -17.22
CA GLU A 62 12.02 -29.45 -17.66
C GLU A 62 12.10 -29.36 -19.18
N GLU A 63 11.19 -30.04 -19.88
CA GLU A 63 11.16 -29.98 -21.35
C GLU A 63 10.78 -28.58 -21.81
N GLU A 64 9.81 -27.98 -21.13
CA GLU A 64 9.44 -26.59 -21.42
C GLU A 64 10.58 -25.59 -21.16
N LEU A 65 11.36 -25.79 -20.10
CA LEU A 65 12.52 -24.90 -19.83
C LEU A 65 13.53 -24.99 -20.96
N ALA A 66 13.64 -26.15 -21.59
CA ALA A 66 14.59 -26.38 -22.67
C ALA A 66 14.21 -25.64 -23.95
N LEU A 67 13.03 -25.02 -23.98
CA LEU A 67 12.67 -24.17 -25.11
C LEU A 67 13.65 -23.00 -25.26
N CYS A 68 14.20 -22.56 -24.14
CA CYS A 68 15.10 -21.39 -24.12
C CYS A 68 16.43 -21.61 -23.40
N HIS A 69 16.49 -22.62 -22.52
CA HIS A 69 17.65 -22.78 -21.63
C HIS A 69 18.41 -24.06 -21.88
N SER A 70 19.71 -24.02 -21.57
CA SER A 70 20.58 -25.16 -21.77
C SER A 70 20.30 -26.24 -20.74
N SER A 71 20.61 -27.49 -21.09
CA SER A 71 20.40 -28.59 -20.15
C SER A 71 21.28 -28.40 -18.92
N LYS A 72 22.50 -27.89 -19.13
CA LYS A 72 23.42 -27.64 -18.03
C LYS A 72 22.84 -26.62 -17.03
N HIS A 73 22.34 -25.50 -17.55
CA HIS A 73 21.75 -24.47 -16.70
C HIS A 73 20.54 -25.00 -15.94
N ILE A 74 19.68 -25.74 -16.62
CA ILE A 74 18.52 -26.30 -15.96
C ILE A 74 18.95 -27.23 -14.83
N SER A 75 19.93 -28.09 -15.12
CA SER A 75 20.37 -29.08 -14.14
CA SER A 75 20.40 -29.08 -14.15
C SER A 75 21.02 -28.43 -12.91
N ILE A 76 21.78 -27.36 -13.12
CA ILE A 76 22.44 -26.67 -12.02
C ILE A 76 21.43 -26.01 -11.07
N ILE A 77 20.44 -25.32 -11.63
CA ILE A 77 19.45 -24.67 -10.79
C ILE A 77 18.59 -25.74 -10.10
N LYS A 78 18.25 -26.80 -10.82
CA LYS A 78 17.49 -27.90 -10.20
C LYS A 78 18.26 -28.48 -9.01
N SER A 79 19.58 -28.55 -9.12
CA SER A 79 20.38 -29.18 -8.08
C SER A 79 20.34 -28.42 -6.75
N SER A 80 19.89 -27.16 -6.79
CA SER A 80 19.86 -26.34 -5.58
C SER A 80 18.66 -26.66 -4.66
N GLU A 81 17.69 -27.43 -5.15
CA GLU A 81 16.47 -27.69 -4.39
CA GLU A 81 16.47 -27.65 -4.37
C GLU A 81 16.74 -28.40 -3.06
N HIS A 82 17.81 -29.17 -2.99
CA HIS A 82 18.13 -29.88 -1.75
C HIS A 82 19.51 -29.58 -1.17
N MET A 83 20.13 -28.47 -1.60
CA MET A 83 21.45 -28.08 -1.12
C MET A 83 21.44 -27.58 0.32
N LYS A 84 22.55 -27.77 1.01
CA LYS A 84 22.75 -27.18 2.34
C LYS A 84 23.00 -25.69 2.15
N PRO A 85 22.70 -24.88 3.19
CA PRO A 85 22.89 -23.42 3.14
C PRO A 85 24.25 -22.97 2.58
N ARG A 86 25.33 -23.58 3.03
CA ARG A 86 26.67 -23.21 2.57
C ARG A 86 26.82 -23.35 1.05
N ASP A 87 26.22 -24.41 0.51
CA ASP A 87 26.29 -24.64 -0.93
C ASP A 87 25.36 -23.72 -1.70
N LEU A 88 24.19 -23.44 -1.13
CA LEU A 88 23.28 -22.44 -1.69
C LEU A 88 23.99 -21.09 -1.79
N ASN A 89 24.72 -20.72 -0.74
CA ASN A 89 25.44 -19.44 -0.73
C ASN A 89 26.53 -19.41 -1.79
N ARG A 90 27.29 -20.49 -1.87
CA ARG A 90 28.38 -20.60 -2.84
C ARG A 90 27.85 -20.57 -4.28
N LEU A 91 26.79 -21.32 -4.55
CA LEU A 91 26.23 -21.34 -5.90
C LEU A 91 25.68 -19.97 -6.30
N GLY A 92 24.97 -19.33 -5.37
CA GLY A 92 24.39 -18.03 -5.62
C GLY A 92 25.43 -17.00 -6.00
N ASP A 93 26.59 -17.07 -5.35
CA ASP A 93 27.68 -16.12 -5.57
C ASP A 93 28.39 -16.32 -6.90
N GLU A 94 28.12 -17.42 -7.58
CA GLU A 94 28.71 -17.63 -8.91
C GLU A 94 28.04 -16.79 -9.99
N TYR A 95 26.88 -16.23 -9.67
CA TYR A 95 26.15 -15.41 -10.64
C TYR A 95 26.22 -13.94 -10.28
N ASN A 96 25.80 -13.10 -11.23
CA ASN A 96 25.68 -11.68 -10.97
C ASN A 96 24.33 -11.41 -10.33
N SER A 97 24.36 -11.02 -9.05
CA SER A 97 23.16 -10.55 -8.35
CA SER A 97 23.16 -10.55 -8.35
C SER A 97 22.08 -11.62 -8.26
N ILE A 98 22.42 -12.74 -7.62
CA ILE A 98 21.49 -13.83 -7.40
C ILE A 98 21.56 -14.32 -5.96
N PHE A 99 20.40 -14.56 -5.35
CA PHE A 99 20.32 -15.35 -4.12
C PHE A 99 19.44 -16.57 -4.39
N ILE A 100 19.73 -17.66 -3.68
CA ILE A 100 19.05 -18.94 -3.89
C ILE A 100 18.69 -19.58 -2.57
N SER A 101 17.45 -20.07 -2.47
CA SER A 101 17.04 -20.89 -1.32
C SER A 101 16.58 -22.24 -1.87
N ASN A 102 16.26 -23.20 -1.00
CA ASN A 102 15.84 -24.51 -1.50
C ASN A 102 14.54 -24.43 -2.29
N GLU A 103 13.79 -23.34 -2.12
CA GLU A 103 12.50 -23.19 -2.80
C GLU A 103 12.59 -22.43 -4.13
N SER A 104 13.77 -21.90 -4.44
CA SER A 104 13.94 -21.03 -5.61
C SER A 104 13.59 -21.71 -6.93
N TYR A 105 14.15 -22.91 -7.14
CA TYR A 105 13.88 -23.67 -8.36
C TYR A 105 12.38 -23.87 -8.58
N THR A 106 11.69 -24.39 -7.57
CA THR A 106 10.26 -24.61 -7.67
C THR A 106 9.49 -23.30 -7.94
N CYS A 107 9.89 -22.20 -7.28
CA CYS A 107 9.20 -20.95 -7.50
C CYS A 107 9.39 -20.45 -8.93
N ALA A 108 10.60 -20.62 -9.47
CA ALA A 108 10.85 -20.22 -10.85
C ALA A 108 10.02 -21.08 -11.82
N LEU A 109 9.87 -22.36 -11.51
CA LEU A 109 9.01 -23.25 -12.31
C LEU A 109 7.55 -22.79 -12.27
N LEU A 110 7.11 -22.34 -11.11
CA LEU A 110 5.74 -21.86 -10.94
C LEU A 110 5.50 -20.56 -11.68
N ALA A 111 6.47 -19.65 -11.60
CA ALA A 111 6.35 -18.39 -12.31
C ALA A 111 6.17 -18.67 -13.80
N ALA A 112 6.96 -19.59 -14.33
CA ALA A 112 6.91 -19.93 -15.75
C ALA A 112 5.60 -20.65 -16.12
N GLY A 113 5.25 -21.69 -15.37
CA GLY A 113 4.05 -22.45 -15.65
C GLY A 113 2.78 -21.61 -15.58
N SER A 114 2.76 -20.63 -14.68
CA SER A 114 1.64 -19.73 -14.55
C SER A 114 1.42 -18.90 -15.79
N CYS A 115 2.54 -18.44 -16.35
CA CYS A 115 2.48 -17.67 -17.57
C CYS A 115 2.12 -18.56 -18.77
N PHE A 116 2.59 -19.81 -18.78
CA PHE A 116 2.14 -20.74 -19.84
C PHE A 116 0.62 -20.93 -19.79
N ASN A 117 0.09 -21.18 -18.60
CA ASN A 117 -1.36 -21.32 -18.45
C ASN A 117 -2.11 -20.06 -18.86
N SER A 118 -1.50 -18.91 -18.62
CA SER A 118 -2.13 -17.64 -18.98
C SER A 118 -2.13 -17.44 -20.50
N ALA A 119 -0.99 -17.71 -21.13
CA ALA A 119 -0.88 -17.66 -22.59
C ALA A 119 -1.90 -18.61 -23.22
N GLN A 120 -1.99 -19.82 -22.68
CA GLN A 120 -2.94 -20.80 -23.20
C GLN A 120 -4.38 -20.31 -23.08
N ALA A 121 -4.75 -19.72 -21.94
CA ALA A 121 -6.11 -19.23 -21.76
C ALA A 121 -6.47 -18.17 -22.81
N ILE A 122 -5.49 -17.32 -23.14
CA ILE A 122 -5.66 -16.30 -24.17
C ILE A 122 -5.80 -16.93 -25.57
N LEU A 123 -4.84 -17.77 -25.93
CA LEU A 123 -4.82 -18.34 -27.29
C LEU A 123 -5.95 -19.32 -27.58
N THR A 124 -6.52 -19.93 -26.55
CA THR A 124 -7.66 -20.84 -26.74
C THR A 124 -8.98 -20.07 -26.69
N GLY A 125 -8.91 -18.78 -26.37
CA GLY A 125 -10.09 -17.95 -26.36
C GLY A 125 -10.87 -17.95 -25.06
N GLN A 126 -10.32 -18.55 -24.01
CA GLN A 126 -10.99 -18.58 -22.71
CA GLN A 126 -11.00 -18.57 -22.71
C GLN A 126 -11.03 -17.18 -22.08
N VAL A 127 -9.95 -16.42 -22.29
CA VAL A 127 -9.88 -15.02 -21.87
C VAL A 127 -9.32 -14.17 -23.00
N ARG A 128 -9.58 -12.87 -22.97
CA ARG A 128 -9.05 -11.97 -24.00
C ARG A 128 -7.63 -11.54 -23.66
N ASN A 129 -7.41 -11.23 -22.39
CA ASN A 129 -6.11 -10.79 -21.92
C ASN A 129 -5.90 -11.33 -20.50
N ALA A 130 -4.73 -11.09 -19.92
CA ALA A 130 -4.43 -11.64 -18.61
C ALA A 130 -3.27 -10.94 -17.90
N VAL A 131 -3.23 -11.10 -16.58
CA VAL A 131 -2.12 -10.59 -15.76
CA VAL A 131 -2.16 -10.58 -15.75
C VAL A 131 -1.58 -11.72 -14.91
N ALA A 132 -0.26 -11.71 -14.73
CA ALA A 132 0.44 -12.76 -13.99
C ALA A 132 1.27 -12.15 -12.87
N ILE A 133 0.84 -12.36 -11.63
CA ILE A 133 1.54 -11.83 -10.49
C ILE A 133 2.51 -12.89 -10.00
N VAL A 134 3.73 -12.87 -10.53
CA VAL A 134 4.68 -13.96 -10.34
C VAL A 134 6.03 -13.47 -9.87
N ARG A 135 6.76 -14.33 -9.15
CA ARG A 135 8.16 -14.10 -8.84
C ARG A 135 8.80 -15.47 -8.66
N PRO A 136 10.14 -15.57 -8.76
CA PRO A 136 11.13 -14.55 -9.11
C PRO A 136 10.94 -14.05 -10.55
N PRO A 137 11.50 -12.87 -10.89
CA PRO A 137 11.41 -12.34 -12.26
C PRO A 137 12.20 -13.16 -13.28
N GLY A 138 12.09 -12.82 -14.56
CA GLY A 138 12.73 -13.61 -15.61
C GLY A 138 13.61 -12.96 -16.67
N HIS A 139 13.45 -11.67 -16.94
CA HIS A 139 14.01 -11.14 -18.19
C HIS A 139 15.54 -11.04 -18.24
N ALA A 140 16.23 -11.19 -17.09
CA ALA A 140 17.68 -11.10 -17.10
C ALA A 140 18.32 -12.48 -17.22
N ALA A 141 17.50 -13.52 -17.12
CA ALA A 141 18.01 -14.89 -17.21
C ALA A 141 18.41 -15.22 -18.65
N GLU A 142 19.61 -15.78 -18.81
CA GLU A 142 20.17 -16.07 -20.13
C GLU A 142 19.95 -17.54 -20.46
N LYS A 143 20.21 -17.92 -21.70
CA LYS A 143 20.12 -19.32 -22.09
C LYS A 143 20.88 -20.23 -21.11
N ASP A 144 22.09 -19.81 -20.75
CA ASP A 144 23.01 -20.67 -19.99
C ASP A 144 23.30 -20.17 -18.57
N THR A 145 22.64 -19.11 -18.12
CA THR A 145 22.95 -18.64 -16.77
C THR A 145 21.87 -17.78 -16.12
N ALA A 146 21.92 -17.73 -14.80
CA ALA A 146 21.05 -16.87 -14.00
C ALA A 146 21.69 -15.51 -13.81
N CYS A 147 20.87 -14.50 -13.60
CA CYS A 147 21.36 -13.13 -13.48
C CYS A 147 20.28 -12.18 -12.98
N GLY A 148 20.65 -11.19 -12.19
CA GLY A 148 19.74 -10.10 -11.87
C GLY A 148 18.41 -10.53 -11.26
N PHE A 149 18.49 -11.40 -10.26
CA PHE A 149 17.34 -11.96 -9.51
C PHE A 149 16.54 -12.95 -10.35
N CYS A 150 17.00 -13.28 -11.56
CA CYS A 150 16.25 -14.14 -12.48
C CYS A 150 16.94 -15.49 -12.73
N PHE A 151 16.17 -16.58 -12.76
CA PHE A 151 16.69 -17.93 -13.00
C PHE A 151 16.36 -18.47 -14.39
N PHE A 152 15.09 -18.38 -14.77
CA PHE A 152 14.61 -18.82 -16.09
C PHE A 152 13.85 -17.66 -16.72
N ASN A 153 13.94 -17.53 -18.03
CA ASN A 153 13.35 -16.34 -18.66
C ASN A 153 11.88 -16.59 -18.97
N THR A 154 11.05 -16.24 -18.00
CA THR A 154 9.61 -16.49 -18.04
C THR A 154 8.95 -15.94 -19.31
N ALA A 155 9.26 -14.70 -19.67
CA ALA A 155 8.58 -14.13 -20.82
C ALA A 155 9.07 -14.80 -22.12
N ALA A 156 10.36 -15.03 -22.22
CA ALA A 156 10.94 -15.69 -23.40
C ALA A 156 10.36 -17.09 -23.55
N LEU A 157 10.29 -17.84 -22.45
CA LEU A 157 9.72 -19.18 -22.46
C LEU A 157 8.26 -19.18 -22.87
N THR A 158 7.54 -18.16 -22.41
CA THR A 158 6.11 -18.04 -22.71
C THR A 158 5.89 -17.80 -24.21
N ALA A 159 6.77 -17.03 -24.84
CA ALA A 159 6.69 -16.79 -26.28
C ALA A 159 6.84 -18.10 -27.03
N ARG A 160 7.84 -18.89 -26.64
CA ARG A 160 8.08 -20.16 -27.30
C ARG A 160 6.98 -21.15 -27.00
N TYR A 161 6.45 -21.11 -25.79
CA TYR A 161 5.32 -21.99 -25.44
C TYR A 161 4.12 -21.65 -26.34
N ALA A 162 3.84 -20.36 -26.48
CA ALA A 162 2.75 -19.90 -27.34
C ALA A 162 2.94 -20.40 -28.76
N GLN A 163 4.16 -20.33 -29.27
CA GLN A 163 4.44 -20.84 -30.60
C GLN A 163 4.25 -22.37 -30.64
N SER A 164 4.55 -23.05 -29.55
CA SER A 164 4.42 -24.51 -29.53
C SER A 164 2.97 -25.02 -29.58
N ILE A 165 1.99 -24.17 -29.29
CA ILE A 165 0.58 -24.61 -29.40
C ILE A 165 -0.18 -23.92 -30.53
N THR A 166 0.53 -23.15 -31.35
CA THR A 166 -0.12 -22.52 -32.50
C THR A 166 0.71 -22.79 -33.75
N ARG A 167 1.74 -21.98 -33.99
CA ARG A 167 2.71 -22.31 -35.03
C ARG A 167 4.05 -21.65 -34.72
N GLU A 168 5.11 -22.25 -35.26
CA GLU A 168 6.47 -21.83 -34.95
C GLU A 168 6.68 -20.34 -35.23
N SER A 169 6.06 -19.84 -36.30
CA SER A 169 6.28 -18.47 -36.72
C SER A 169 5.25 -17.48 -36.18
N LEU A 170 4.47 -17.90 -35.18
CA LEU A 170 3.52 -16.99 -34.55
C LEU A 170 4.21 -15.71 -34.13
N ARG A 171 3.67 -14.56 -34.52
CA ARG A 171 4.34 -13.29 -34.25
C ARG A 171 4.05 -12.84 -32.83
N VAL A 172 5.11 -12.78 -32.01
CA VAL A 172 4.98 -12.39 -30.63
C VAL A 172 5.76 -11.10 -30.41
N LEU A 173 5.08 -10.10 -29.86
CA LEU A 173 5.76 -8.88 -29.43
C LEU A 173 6.01 -8.95 -27.92
N ILE A 174 7.26 -8.73 -27.52
CA ILE A 174 7.56 -8.59 -26.11
C ILE A 174 7.95 -7.14 -25.85
N VAL A 175 7.13 -6.44 -25.07
CA VAL A 175 7.43 -5.08 -24.66
C VAL A 175 7.93 -5.13 -23.23
N ASP A 176 9.14 -4.62 -23.00
CA ASP A 176 9.80 -4.77 -21.72
C ASP A 176 9.98 -3.37 -21.11
N TRP A 177 9.10 -2.98 -20.17
CA TRP A 177 9.19 -1.64 -19.59
C TRP A 177 9.70 -1.64 -18.15
N ASP A 178 10.19 -2.79 -17.69
CA ASP A 178 11.08 -2.84 -16.51
C ASP A 178 12.19 -1.82 -16.76
N VAL A 179 12.64 -1.12 -15.71
CA VAL A 179 13.65 -0.05 -15.88
C VAL A 179 15.01 -0.61 -16.30
N HIS A 180 15.19 -1.92 -16.12
CA HIS A 180 16.42 -2.60 -16.55
C HIS A 180 16.28 -3.22 -17.92
N HIS A 181 17.39 -3.28 -18.64
CA HIS A 181 17.43 -4.02 -19.89
C HIS A 181 17.13 -5.49 -19.62
N GLY A 182 16.33 -6.10 -20.47
CA GLY A 182 16.16 -7.55 -20.41
C GLY A 182 17.26 -8.21 -21.23
N ASN A 183 18.48 -8.28 -20.68
CA ASN A 183 19.62 -8.81 -21.42
C ASN A 183 19.35 -10.24 -21.91
N GLY A 184 18.66 -11.03 -21.10
CA GLY A 184 18.40 -12.42 -21.45
C GLY A 184 17.44 -12.53 -22.63
N THR A 185 16.38 -11.73 -22.58
CA THR A 185 15.38 -11.79 -23.63
C THR A 185 15.98 -11.35 -24.96
N GLN A 186 16.77 -10.27 -24.93
CA GLN A 186 17.44 -9.81 -26.16
C GLN A 186 18.26 -10.93 -26.78
N HIS A 187 19.13 -11.54 -25.98
CA HIS A 187 20.01 -12.58 -26.48
C HIS A 187 19.28 -13.82 -27.01
N ILE A 188 18.26 -14.27 -26.29
CA ILE A 188 17.49 -15.44 -26.71
C ILE A 188 16.84 -15.24 -28.09
N PHE A 189 16.37 -14.03 -28.36
CA PHE A 189 15.69 -13.79 -29.64
C PHE A 189 16.48 -12.93 -30.62
N GLU A 190 17.78 -12.74 -30.38
CA GLU A 190 18.54 -11.77 -31.17
C GLU A 190 18.57 -12.09 -32.66
N GLU A 191 18.51 -13.37 -33.01
CA GLU A 191 18.56 -13.80 -34.42
C GLU A 191 17.20 -14.27 -34.90
N ASP A 192 16.14 -13.77 -34.27
CA ASP A 192 14.79 -14.31 -34.47
C ASP A 192 13.84 -13.20 -34.95
N ASP A 193 13.20 -13.41 -36.10
CA ASP A 193 12.28 -12.41 -36.64
C ASP A 193 10.80 -12.73 -36.33
N SER A 194 10.57 -13.78 -35.54
CA SER A 194 9.21 -14.11 -35.13
C SER A 194 8.86 -13.48 -33.79
N VAL A 195 9.87 -13.06 -33.04
CA VAL A 195 9.65 -12.43 -31.75
C VAL A 195 10.30 -11.06 -31.75
N LEU A 196 9.47 -10.03 -31.80
CA LEU A 196 9.96 -8.66 -31.76
C LEU A 196 10.17 -8.27 -30.30
N TYR A 197 11.40 -7.88 -29.95
CA TYR A 197 11.71 -7.48 -28.58
C TYR A 197 11.94 -5.97 -28.53
N ILE A 198 11.14 -5.29 -27.72
CA ILE A 198 11.31 -3.85 -27.54
C ILE A 198 11.49 -3.56 -26.05
N SER A 199 12.63 -2.99 -25.69
CA SER A 199 12.92 -2.69 -24.30
C SER A 199 13.13 -1.19 -24.12
N LEU A 200 12.49 -0.63 -23.11
CA LEU A 200 12.83 0.70 -22.63
C LEU A 200 13.56 0.53 -21.31
N HIS A 201 14.67 1.23 -21.12
CA HIS A 201 15.47 1.00 -19.93
C HIS A 201 16.44 2.12 -19.65
N ARG A 202 16.71 2.34 -18.37
CA ARG A 202 17.79 3.21 -17.97
C ARG A 202 19.11 2.56 -18.37
N TYR A 203 20.01 3.37 -18.92
CA TYR A 203 21.27 2.87 -19.48
C TYR A 203 22.46 3.61 -18.88
N GLU A 204 22.36 4.95 -18.89
CA GLU A 204 23.43 5.82 -18.40
C GLU A 204 24.80 5.44 -18.98
N ASP A 205 24.84 5.20 -20.28
CA ASP A 205 26.08 4.89 -20.98
C ASP A 205 26.82 3.68 -20.40
N GLY A 206 26.07 2.78 -19.77
CA GLY A 206 26.64 1.58 -19.18
C GLY A 206 26.79 1.59 -17.66
N ALA A 207 26.50 2.72 -17.01
CA ALA A 207 26.62 2.80 -15.56
C ALA A 207 25.47 2.08 -14.84
N PHE A 208 24.34 1.90 -15.54
CA PHE A 208 23.18 1.26 -14.94
C PHE A 208 23.15 -0.25 -15.21
N PHE A 209 22.78 -1.01 -14.18
CA PHE A 209 22.68 -2.46 -14.30
C PHE A 209 21.82 -2.85 -15.50
N PRO A 210 22.25 -3.86 -16.27
CA PRO A 210 23.39 -4.77 -16.07
C PRO A 210 24.73 -4.34 -16.68
N ASN A 211 24.89 -3.05 -16.98
CA ASN A 211 26.23 -2.48 -17.25
C ASN A 211 26.89 -2.98 -18.54
N SER A 212 26.08 -3.30 -19.54
CA SER A 212 26.59 -3.81 -20.82
C SER A 212 26.15 -2.94 -21.99
N GLU A 213 27.06 -2.73 -22.94
CA GLU A 213 26.72 -2.00 -24.17
C GLU A 213 25.70 -2.76 -25.05
N ASP A 214 25.40 -4.00 -24.67
CA ASP A 214 24.35 -4.76 -25.36
C ASP A 214 23.01 -4.03 -25.31
N ALA A 215 22.85 -3.15 -24.30
CA ALA A 215 21.59 -2.44 -24.07
C ALA A 215 21.46 -1.16 -24.90
N ASN A 216 22.48 -0.81 -25.66
CA ASN A 216 22.45 0.46 -26.38
C ASN A 216 21.58 0.41 -27.65
N TYR A 217 21.26 1.57 -28.21
CA TYR A 217 20.29 1.64 -29.30
C TYR A 217 20.79 0.99 -30.60
N ASP A 218 22.09 0.82 -30.74
CA ASP A 218 22.64 0.33 -32.00
C ASP A 218 22.63 -1.19 -32.08
N LYS A 219 22.17 -1.86 -31.03
CA LYS A 219 22.02 -3.31 -31.11
C LYS A 219 20.63 -3.61 -31.66
N VAL A 220 20.56 -3.84 -32.97
CA VAL A 220 19.26 -3.94 -33.66
C VAL A 220 18.85 -5.37 -33.99
N GLY A 221 19.67 -6.34 -33.57
CA GLY A 221 19.41 -7.72 -33.89
C GLY A 221 20.42 -8.28 -34.88
N LEU A 222 20.40 -9.59 -35.08
CA LEU A 222 21.41 -10.26 -35.88
C LEU A 222 20.82 -11.14 -36.96
N GLY A 223 21.48 -11.19 -38.12
CA GLY A 223 21.02 -11.99 -39.24
C GLY A 223 19.59 -11.68 -39.62
N LYS A 224 18.76 -12.71 -39.73
CA LYS A 224 17.36 -12.48 -40.07
C LYS A 224 16.62 -11.72 -38.97
N GLY A 225 17.24 -11.59 -37.80
CA GLY A 225 16.67 -10.83 -36.72
C GLY A 225 16.98 -9.33 -36.74
N ARG A 226 17.74 -8.87 -37.73
CA ARG A 226 18.02 -7.44 -37.84
C ARG A 226 16.72 -6.67 -37.97
N GLY A 227 16.50 -5.74 -37.06
CA GLY A 227 15.29 -4.94 -37.02
C GLY A 227 14.34 -5.36 -35.91
N TYR A 228 14.54 -6.55 -35.37
CA TYR A 228 13.58 -7.16 -34.45
C TYR A 228 14.06 -7.09 -33.00
N ASN A 229 15.09 -6.28 -32.76
CA ASN A 229 15.51 -5.95 -31.41
C ASN A 229 15.61 -4.43 -31.28
N VAL A 230 14.74 -3.85 -30.47
CA VAL A 230 14.67 -2.41 -30.34
C VAL A 230 14.98 -1.98 -28.91
N ASN A 231 16.19 -1.45 -28.71
CA ASN A 231 16.59 -0.88 -27.43
C ASN A 231 16.36 0.63 -27.38
N ILE A 232 15.62 1.08 -26.38
CA ILE A 232 15.43 2.51 -26.14
C ILE A 232 16.08 2.85 -24.78
N PRO A 233 17.32 3.34 -24.82
CA PRO A 233 18.10 3.53 -23.60
C PRO A 233 18.05 4.96 -23.09
N TRP A 234 17.80 5.12 -21.79
CA TRP A 234 17.73 6.45 -21.21
C TRP A 234 19.05 6.83 -20.56
N ASN A 235 19.45 8.10 -20.76
CA ASN A 235 20.65 8.65 -20.18
C ASN A 235 20.39 10.03 -19.60
N GLY A 236 21.04 10.37 -18.49
CA GLY A 236 21.14 11.75 -18.04
C GLY A 236 19.87 12.48 -17.71
N GLY A 237 18.94 11.83 -17.02
CA GLY A 237 17.65 12.43 -16.75
C GLY A 237 16.69 11.53 -16.01
N LYS A 238 15.85 12.16 -15.19
CA LYS A 238 14.85 11.45 -14.41
C LYS A 238 13.58 11.30 -15.23
N MET A 239 13.44 10.18 -15.91
CA MET A 239 12.38 10.05 -16.90
C MET A 239 11.05 9.71 -16.26
N GLY A 240 9.96 10.07 -16.93
CA GLY A 240 8.63 9.83 -16.41
C GLY A 240 7.62 9.68 -17.52
N ASP A 241 6.35 9.95 -17.21
CA ASP A 241 5.28 9.80 -18.18
C ASP A 241 5.54 10.47 -19.53
N PRO A 242 6.05 11.72 -19.56
CA PRO A 242 6.21 12.33 -20.90
C PRO A 242 7.16 11.55 -21.80
N GLU A 243 8.26 11.08 -21.23
CA GLU A 243 9.29 10.38 -22.00
C GLU A 243 8.79 9.02 -22.48
N TYR A 244 8.08 8.31 -21.61
CA TYR A 244 7.59 6.98 -21.99
C TYR A 244 6.46 7.10 -23.02
N MET A 245 5.62 8.11 -22.86
CA MET A 245 4.56 8.37 -23.83
C MET A 245 5.14 8.73 -25.20
N ALA A 246 6.22 9.52 -25.21
CA ALA A 246 6.82 9.91 -26.49
C ALA A 246 7.48 8.71 -27.16
N ALA A 247 8.15 7.88 -26.38
CA ALA A 247 8.77 6.67 -26.92
C ALA A 247 7.71 5.75 -27.54
N PHE A 248 6.56 5.65 -26.88
CA PHE A 248 5.48 4.83 -27.45
C PHE A 248 4.93 5.44 -28.73
N HIS A 249 4.77 6.77 -28.76
CA HIS A 249 4.19 7.43 -29.92
C HIS A 249 5.12 7.34 -31.14
N HIS A 250 6.41 7.54 -30.94
CA HIS A 250 7.36 7.62 -32.04
C HIS A 250 7.98 6.29 -32.45
N LEU A 251 8.06 5.36 -31.50
CA LEU A 251 8.84 4.14 -31.71
C LEU A 251 8.04 2.87 -31.48
N VAL A 252 7.60 2.65 -30.24
CA VAL A 252 7.01 1.37 -29.88
C VAL A 252 5.75 1.08 -30.70
N MET A 253 4.82 2.03 -30.77
CA MET A 253 3.57 1.73 -31.45
C MET A 253 3.69 1.68 -32.97
N PRO A 254 4.43 2.63 -33.60
CA PRO A 254 4.56 2.47 -35.06
C PRO A 254 5.24 1.15 -35.49
N ILE A 255 6.30 0.76 -34.79
CA ILE A 255 6.97 -0.50 -35.08
C ILE A 255 6.06 -1.69 -34.79
N ALA A 256 5.40 -1.68 -33.64
CA ALA A 256 4.51 -2.77 -33.25
C ALA A 256 3.35 -2.96 -34.21
N ARG A 257 2.75 -1.86 -34.66
CA ARG A 257 1.65 -1.95 -35.62
CA ARG A 257 1.64 -1.93 -35.63
C ARG A 257 2.10 -2.53 -36.96
N GLU A 258 3.31 -2.19 -37.39
CA GLU A 258 3.85 -2.71 -38.64
C GLU A 258 4.19 -4.20 -38.51
N PHE A 259 4.67 -4.62 -37.34
CA PHE A 259 4.99 -6.03 -37.06
C PHE A 259 3.71 -6.86 -37.04
N ALA A 260 2.61 -6.23 -36.60
CA ALA A 260 1.30 -6.89 -36.50
C ALA A 260 1.37 -8.17 -35.66
N PRO A 261 1.66 -8.04 -34.36
CA PRO A 261 1.81 -9.25 -33.53
C PRO A 261 0.48 -9.99 -33.37
N GLU A 262 0.57 -11.29 -33.12
CA GLU A 262 -0.60 -12.12 -32.84
C GLU A 262 -0.76 -12.33 -31.34
N LEU A 263 0.27 -11.94 -30.58
CA LEU A 263 0.22 -11.99 -29.14
C LEU A 263 1.19 -10.96 -28.59
N VAL A 264 0.78 -10.23 -27.56
CA VAL A 264 1.68 -9.30 -26.87
C VAL A 264 1.99 -9.80 -25.47
N LEU A 265 3.29 -9.91 -25.15
CA LEU A 265 3.70 -10.18 -23.77
C LEU A 265 4.32 -8.91 -23.22
N VAL A 266 3.94 -8.52 -22.02
CA VAL A 266 4.62 -7.39 -21.40
C VAL A 266 5.51 -7.88 -20.27
N SER A 267 6.82 -7.68 -20.43
CA SER A 267 7.74 -7.80 -19.31
C SER A 267 7.55 -6.54 -18.45
N ALA A 268 6.59 -6.63 -17.53
CA ALA A 268 6.11 -5.49 -16.79
C ALA A 268 6.79 -5.37 -15.43
N GLY A 269 7.99 -4.82 -15.43
CA GLY A 269 8.60 -4.45 -14.17
C GLY A 269 8.03 -3.09 -13.83
N PHE A 270 7.86 -2.81 -12.54
CA PHE A 270 7.36 -1.49 -12.16
C PHE A 270 8.42 -0.74 -11.36
N ASP A 271 9.68 -0.95 -11.74
CA ASP A 271 10.77 -0.24 -11.09
C ASP A 271 11.13 1.08 -11.76
N ALA A 272 10.42 1.44 -12.84
CA ALA A 272 10.53 2.80 -13.37
C ALA A 272 9.50 3.73 -12.69
N ALA A 273 8.76 3.18 -11.73
CA ALA A 273 7.72 3.93 -11.04
C ALA A 273 8.26 4.95 -10.05
N ARG A 274 7.51 6.05 -9.88
CA ARG A 274 7.82 7.01 -8.83
C ARG A 274 7.95 6.31 -7.47
N GLY A 275 9.07 6.52 -6.80
CA GLY A 275 9.29 5.92 -5.49
C GLY A 275 10.14 4.67 -5.47
N ASP A 276 10.49 4.15 -6.65
CA ASP A 276 11.31 2.94 -6.68
C ASP A 276 12.76 3.23 -6.30
N PRO A 277 13.30 2.48 -5.34
CA PRO A 277 14.67 2.72 -4.83
C PRO A 277 15.77 2.33 -5.82
N LEU A 278 15.48 1.40 -6.73
CA LEU A 278 16.50 0.97 -7.68
C LEU A 278 16.42 1.78 -8.96
N GLY A 279 15.20 2.16 -9.34
CA GLY A 279 14.97 2.77 -10.64
C GLY A 279 15.25 4.26 -10.76
N GLY A 280 14.80 5.04 -9.78
CA GLY A 280 15.10 6.47 -9.77
C GLY A 280 14.31 7.30 -10.75
N PHE A 281 13.25 6.70 -11.30
CA PHE A 281 12.42 7.35 -12.32
C PHE A 281 11.06 7.75 -11.73
N GLN A 282 10.15 8.28 -12.55
CA GLN A 282 8.91 8.83 -12.01
C GLN A 282 7.66 8.56 -12.86
N VAL A 283 7.62 7.41 -13.51
CA VAL A 283 6.39 6.95 -14.18
C VAL A 283 5.27 6.78 -13.14
N THR A 284 4.09 7.29 -13.45
CA THR A 284 2.96 7.27 -12.52
C THR A 284 2.09 6.04 -12.80
N PRO A 285 1.19 5.68 -11.86
CA PRO A 285 0.29 4.57 -12.18
C PRO A 285 -0.62 4.86 -13.37
N GLU A 286 -0.98 6.14 -13.58
CA GLU A 286 -1.71 6.54 -14.78
C GLU A 286 -0.87 6.36 -16.05
N GLY A 287 0.45 6.55 -15.91
CA GLY A 287 1.36 6.33 -17.01
C GLY A 287 1.35 4.88 -17.46
N TYR A 288 1.42 3.96 -16.49
CA TYR A 288 1.37 2.54 -16.80
C TYR A 288 0.02 2.19 -17.41
N ALA A 289 -1.04 2.78 -16.86
CA ALA A 289 -2.39 2.59 -17.40
C ALA A 289 -2.44 2.97 -18.89
N HIS A 290 -1.88 4.14 -19.20
CA HIS A 290 -1.82 4.65 -20.56
C HIS A 290 -1.08 3.68 -21.47
N LEU A 291 0.10 3.25 -21.03
CA LEU A 291 0.89 2.28 -21.81
C LEU A 291 0.13 0.97 -22.05
N THR A 292 -0.53 0.48 -21.00
CA THR A 292 -1.30 -0.74 -21.11
C THR A 292 -2.41 -0.60 -22.15
N HIS A 293 -3.15 0.50 -22.07
CA HIS A 293 -4.25 0.74 -23.00
C HIS A 293 -3.76 0.84 -24.44
N GLN A 294 -2.58 1.42 -24.64
CA GLN A 294 -1.97 1.50 -25.96
C GLN A 294 -1.71 0.11 -26.54
N LEU A 295 -1.10 -0.77 -25.75
CA LEU A 295 -0.79 -2.12 -26.21
C LEU A 295 -2.05 -2.95 -26.47
N MET A 296 -3.15 -2.57 -25.82
CA MET A 296 -4.42 -3.28 -26.04
C MET A 296 -4.97 -3.09 -27.45
N SER A 297 -4.45 -2.09 -28.17
CA SER A 297 -4.87 -1.85 -29.56
C SER A 297 -4.21 -2.83 -30.54
N LEU A 298 -3.29 -3.66 -30.03
CA LEU A 298 -2.55 -4.61 -30.83
C LEU A 298 -3.08 -6.03 -30.65
N ALA A 299 -2.87 -6.86 -31.67
CA ALA A 299 -3.13 -8.30 -31.57
C ALA A 299 -4.55 -8.62 -31.14
N ALA A 300 -5.49 -7.80 -31.61
CA ALA A 300 -6.90 -7.95 -31.25
C ALA A 300 -7.09 -8.02 -29.74
N GLY A 301 -6.24 -7.30 -29.01
CA GLY A 301 -6.34 -7.20 -27.56
C GLY A 301 -5.68 -8.32 -26.77
N ARG A 302 -4.98 -9.24 -27.45
CA ARG A 302 -4.42 -10.38 -26.73
C ARG A 302 -3.11 -9.98 -26.07
N VAL A 303 -3.23 -9.54 -24.81
CA VAL A 303 -2.12 -9.01 -24.05
C VAL A 303 -1.97 -9.78 -22.74
N LEU A 304 -0.74 -10.20 -22.44
CA LEU A 304 -0.44 -10.84 -21.17
C LEU A 304 0.63 -10.04 -20.44
N ILE A 305 0.28 -9.52 -19.26
CA ILE A 305 1.16 -8.68 -18.45
C ILE A 305 1.86 -9.55 -17.39
N ILE A 306 3.18 -9.70 -17.50
CA ILE A 306 3.98 -10.52 -16.59
C ILE A 306 4.84 -9.66 -15.68
N LEU A 307 4.64 -9.79 -14.36
CA LEU A 307 5.44 -9.04 -13.40
C LEU A 307 6.92 -9.37 -13.55
N GLU A 308 7.76 -8.34 -13.60
CA GLU A 308 9.20 -8.54 -13.58
C GLU A 308 9.74 -7.89 -12.30
N GLY A 309 10.48 -6.80 -12.44
CA GLY A 309 10.97 -6.09 -11.27
C GLY A 309 9.98 -5.09 -10.69
N GLY A 310 10.47 -4.20 -9.83
CA GLY A 310 9.63 -3.23 -9.13
C GLY A 310 9.71 -3.49 -7.63
N TYR A 311 10.19 -2.52 -6.85
CA TYR A 311 10.59 -2.79 -5.48
C TYR A 311 10.01 -1.88 -4.38
N ASN A 312 9.28 -0.84 -4.77
CA ASN A 312 8.50 -0.07 -3.80
C ASN A 312 7.15 -0.76 -3.71
N LEU A 313 6.86 -1.35 -2.56
CA LEU A 313 5.70 -2.25 -2.45
C LEU A 313 4.39 -1.52 -2.73
N THR A 314 4.24 -0.30 -2.22
CA THR A 314 3.01 0.45 -2.45
C THR A 314 2.93 0.85 -3.93
N SER A 315 4.07 1.25 -4.50
CA SER A 315 4.14 1.70 -5.89
CA SER A 315 4.11 1.70 -5.88
C SER A 315 3.78 0.59 -6.88
N ILE A 316 4.38 -0.59 -6.71
CA ILE A 316 4.11 -1.66 -7.66
C ILE A 316 2.69 -2.17 -7.50
N SER A 317 2.16 -2.12 -6.26
CA SER A 317 0.80 -2.61 -6.02
C SER A 317 -0.21 -1.74 -6.75
N GLU A 318 -0.06 -0.43 -6.61
CA GLU A 318 -0.95 0.51 -7.27
C GLU A 318 -0.75 0.49 -8.80
N SER A 319 0.51 0.37 -9.24
CA SER A 319 0.81 0.43 -10.68
C SER A 319 0.28 -0.78 -11.42
N MET A 320 0.50 -1.98 -10.91
CA MET A 320 0.05 -3.16 -11.62
C MET A 320 -1.47 -3.27 -11.57
N SER A 321 -2.08 -2.82 -10.48
CA SER A 321 -3.54 -2.84 -10.38
CA SER A 321 -3.54 -2.84 -10.38
C SER A 321 -4.17 -1.95 -11.43
N MET A 322 -3.55 -0.81 -11.71
CA MET A 322 -4.11 0.07 -12.72
CA MET A 322 -4.06 0.09 -12.73
C MET A 322 -3.96 -0.55 -14.11
N CYS A 323 -2.94 -1.37 -14.32
CA CYS A 323 -2.81 -2.08 -15.59
C CYS A 323 -3.95 -3.09 -15.73
N THR A 324 -4.23 -3.82 -14.65
CA THR A 324 -5.32 -4.79 -14.66
C THR A 324 -6.64 -4.06 -14.92
N SER A 325 -6.83 -2.90 -14.32
CA SER A 325 -8.02 -2.09 -14.56
C SER A 325 -8.22 -1.77 -16.05
N MET A 326 -7.13 -1.43 -16.74
CA MET A 326 -7.19 -1.16 -18.18
C MET A 326 -7.58 -2.43 -18.96
N LEU A 327 -6.97 -3.55 -18.60
CA LEU A 327 -7.27 -4.80 -19.30
C LEU A 327 -8.74 -5.15 -19.14
N LEU A 328 -9.32 -4.77 -18.02
CA LEU A 328 -10.73 -5.03 -17.75
C LEU A 328 -11.67 -4.08 -18.50
N GLY A 329 -11.11 -3.09 -19.20
CA GLY A 329 -11.91 -2.19 -20.01
C GLY A 329 -12.28 -0.87 -19.37
N ASP A 330 -11.72 -0.58 -18.20
CA ASP A 330 -11.98 0.71 -17.54
C ASP A 330 -11.40 1.89 -18.34
N SER A 331 -11.99 3.07 -18.18
CA SER A 331 -11.61 4.25 -18.95
C SER A 331 -10.15 4.63 -18.70
N PRO A 332 -9.39 4.82 -19.79
CA PRO A 332 -7.97 5.17 -19.74
C PRO A 332 -7.75 6.64 -19.38
N PRO A 333 -6.58 6.97 -18.82
CA PRO A 333 -6.27 8.35 -18.40
C PRO A 333 -5.92 9.28 -19.56
N SER A 334 -6.29 10.55 -19.43
CA SER A 334 -5.84 11.57 -20.36
C SER A 334 -4.60 12.25 -19.78
N LEU A 335 -3.46 12.14 -20.48
CA LEU A 335 -2.22 12.67 -19.94
C LEU A 335 -1.69 13.79 -20.83
N ASP A 336 -0.61 14.44 -20.39
CA ASP A 336 -0.12 15.62 -21.10
C ASP A 336 0.96 15.25 -22.12
N HIS A 337 0.56 15.16 -23.38
CA HIS A 337 1.48 14.84 -24.47
C HIS A 337 2.26 16.06 -24.95
N LEU A 338 2.03 17.21 -24.33
CA LEU A 338 2.70 18.45 -24.76
C LEU A 338 3.82 18.86 -23.81
N THR A 339 3.88 18.23 -22.64
CA THR A 339 4.98 18.49 -21.70
C THR A 339 6.31 18.23 -22.39
N PRO A 340 7.22 19.21 -22.39
CA PRO A 340 8.51 19.00 -23.06
C PRO A 340 9.33 17.89 -22.41
N LEU A 341 10.02 17.12 -23.24
CA LEU A 341 10.82 16.01 -22.73
C LEU A 341 12.11 16.51 -22.12
N LYS A 342 12.69 15.73 -21.22
CA LYS A 342 14.08 15.93 -20.84
C LYS A 342 14.91 15.92 -22.12
N THR A 343 15.88 16.84 -22.22
CA THR A 343 16.62 16.99 -23.47
C THR A 343 17.30 15.68 -23.93
N SER A 344 17.84 14.91 -22.99
CA SER A 344 18.54 13.68 -23.36
C SER A 344 17.58 12.59 -23.84
N ALA A 345 16.30 12.69 -23.44
CA ALA A 345 15.31 11.72 -23.88
C ALA A 345 15.01 11.89 -25.37
N THR A 346 14.96 13.15 -25.81
CA THR A 346 14.81 13.47 -27.23
C THR A 346 15.98 12.91 -28.03
N VAL A 347 17.19 13.02 -27.48
CA VAL A 347 18.38 12.49 -28.14
C VAL A 347 18.26 10.97 -28.28
N SER A 348 17.83 10.32 -27.19
CA SER A 348 17.64 8.86 -27.16
C SER A 348 16.65 8.41 -28.22
N ILE A 349 15.49 9.05 -28.25
CA ILE A 349 14.45 8.66 -29.20
C ILE A 349 14.96 8.84 -30.63
N ASN A 350 15.66 9.94 -30.88
CA ASN A 350 16.23 10.20 -32.21
C ASN A 350 17.31 9.20 -32.61
N ASN A 351 18.11 8.75 -31.64
CA ASN A 351 19.13 7.74 -31.94
C ASN A 351 18.47 6.41 -32.32
N VAL A 352 17.41 6.03 -31.60
CA VAL A 352 16.72 4.78 -31.92
C VAL A 352 16.05 4.86 -33.28
N LEU A 353 15.38 5.98 -33.54
CA LEU A 353 14.74 6.20 -34.84
C LEU A 353 15.75 6.04 -35.98
N ARG A 354 16.94 6.63 -35.84
CA ARG A 354 17.96 6.53 -36.87
C ARG A 354 18.38 5.07 -37.06
N ALA A 355 18.50 4.34 -35.96
CA ALA A 355 18.96 2.96 -36.03
C ALA A 355 17.95 2.03 -36.69
N HIS A 356 16.66 2.31 -36.53
CA HIS A 356 15.66 1.36 -36.98
C HIS A 356 14.89 1.77 -38.21
N ALA A 357 15.06 3.01 -38.64
CA ALA A 357 14.47 3.44 -39.91
C ALA A 357 14.84 2.52 -41.11
N PRO A 358 16.06 1.93 -41.14
CA PRO A 358 16.29 1.04 -42.30
C PRO A 358 15.40 -0.22 -42.32
N PHE A 359 14.79 -0.56 -41.19
CA PHE A 359 14.08 -1.82 -41.09
C PHE A 359 12.55 -1.68 -41.06
N TRP A 360 12.06 -0.46 -40.81
CA TRP A 360 10.61 -0.26 -40.63
C TRP A 360 10.10 0.92 -41.47
N SER A 361 9.26 0.63 -42.44
CA SER A 361 8.77 1.67 -43.34
CA SER A 361 8.77 1.67 -43.34
C SER A 361 7.95 2.71 -42.58
N SER A 362 7.40 2.32 -41.44
CA SER A 362 6.56 3.23 -40.65
C SER A 362 7.40 4.34 -40.00
N LEU A 363 8.71 4.17 -40.01
CA LEU A 363 9.62 5.19 -39.50
C LEU A 363 10.20 6.07 -40.61
N ARG A 364 9.86 5.77 -41.87
CA ARG A 364 10.42 6.48 -43.01
C ARG A 364 9.38 7.40 -43.69
N ARG B 1 28.82 -3.80 -9.75
CA ARG B 1 28.21 -4.79 -10.62
C ARG B 1 26.97 -5.42 -10.01
N GLY B 2 26.45 -4.81 -8.94
CA GLY B 2 25.29 -5.35 -8.25
C GLY B 2 24.01 -4.64 -8.64
N PRO C 8 10.37 23.83 14.90
CA PRO C 8 9.43 22.83 15.41
C PRO C 8 9.69 21.44 14.83
N ILE C 9 9.71 20.42 15.67
CA ILE C 9 9.94 19.06 15.19
C ILE C 9 8.72 18.18 15.53
N THR C 10 8.58 17.09 14.79
CA THR C 10 7.49 16.15 14.95
C THR C 10 7.99 14.84 15.54
N GLY C 11 7.35 14.36 16.61
CA GLY C 11 7.70 13.07 17.17
C GLY C 11 6.97 11.90 16.52
N LEU C 12 7.58 10.72 16.55
CA LEU C 12 6.92 9.51 16.08
C LEU C 12 7.26 8.35 17.01
N VAL C 13 6.25 7.59 17.40
CA VAL C 13 6.51 6.39 18.17
C VAL C 13 5.91 5.19 17.44
N TYR C 14 6.71 4.14 17.32
CA TYR C 14 6.30 2.88 16.74
C TYR C 14 7.15 1.80 17.36
N ASP C 15 6.52 0.69 17.74
CA ASP C 15 7.29 -0.44 18.27
C ASP C 15 6.69 -1.75 17.81
N GLN C 16 7.52 -2.57 17.16
CA GLN C 16 7.13 -3.88 16.64
C GLN C 16 6.46 -4.79 17.66
N ARG C 17 6.80 -4.61 18.93
CA ARG C 17 6.28 -5.50 19.96
C ARG C 17 4.75 -5.44 20.03
N MET C 18 4.16 -4.33 19.62
CA MET C 18 2.70 -4.23 19.66
C MET C 18 2.03 -5.10 18.58
N MET C 19 2.81 -5.76 17.72
CA MET C 19 2.25 -6.71 16.76
C MET C 19 1.96 -8.08 17.39
N LEU C 20 2.38 -8.28 18.63
CA LEU C 20 2.30 -9.60 19.25
C LEU C 20 0.89 -9.97 19.73
N HIS C 21 0.03 -8.97 19.91
CA HIS C 21 -1.38 -9.15 20.22
C HIS C 21 -2.09 -9.74 18.99
N HIS C 22 -2.79 -10.86 19.16
CA HIS C 22 -3.37 -11.53 18.00
C HIS C 22 -4.58 -12.38 18.33
N ASN C 23 -5.33 -12.74 17.29
CA ASN C 23 -6.55 -13.53 17.42
C ASN C 23 -6.34 -14.98 17.00
N MET C 24 -6.23 -15.89 17.97
CA MET C 24 -5.88 -17.29 17.67
C MET C 24 -7.07 -18.10 17.18
N TRP C 25 -8.25 -17.52 17.19
CA TRP C 25 -9.45 -18.26 16.80
C TRP C 25 -10.00 -17.80 15.45
N ASP C 26 -9.65 -16.59 15.05
CA ASP C 26 -10.21 -16.02 13.84
C ASP C 26 -9.13 -15.35 12.99
N SER C 27 -8.71 -16.04 11.93
CA SER C 27 -7.66 -15.52 11.05
C SER C 27 -8.11 -14.27 10.30
N HIS C 28 -9.42 -14.15 10.09
CA HIS C 28 -9.94 -13.03 9.31
C HIS C 28 -10.32 -11.80 10.13
N HIS C 29 -9.94 -11.75 11.40
CA HIS C 29 -10.29 -10.59 12.21
C HIS C 29 -9.55 -9.35 11.71
N PRO C 30 -10.29 -8.25 11.50
CA PRO C 30 -9.75 -7.03 10.89
C PRO C 30 -8.70 -6.29 11.71
N GLU C 31 -8.65 -6.46 13.03
CA GLU C 31 -7.68 -5.74 13.84
C GLU C 31 -6.36 -6.49 13.83
N LEU C 32 -5.67 -6.43 12.69
CA LEU C 32 -4.50 -7.24 12.41
C LEU C 32 -3.20 -6.62 12.92
N PRO C 33 -2.25 -7.47 13.34
CA PRO C 33 -0.90 -6.99 13.67
C PRO C 33 -0.29 -6.10 12.58
N GLN C 34 -0.46 -6.46 11.33
CA GLN C 34 0.19 -5.75 10.23
CA GLN C 34 0.24 -5.72 10.27
C GLN C 34 -0.38 -4.35 9.99
N ARG C 35 -1.43 -3.98 10.73
CA ARG C 35 -1.95 -2.61 10.63
C ARG C 35 -0.84 -1.61 10.94
N ILE C 36 -0.08 -1.85 12.00
CA ILE C 36 0.90 -0.85 12.38
C ILE C 36 2.19 -0.99 11.57
N SER C 37 2.55 -2.20 11.17
CA SER C 37 3.76 -2.36 10.37
C SER C 37 3.57 -1.78 8.97
N ARG C 38 2.36 -1.89 8.43
CA ARG C 38 2.08 -1.29 7.12
C ARG C 38 2.09 0.24 7.19
N ILE C 39 1.56 0.82 8.26
CA ILE C 39 1.62 2.27 8.40
C ILE C 39 3.08 2.73 8.55
N PHE C 40 3.85 2.03 9.39
CA PHE C 40 5.27 2.37 9.56
C PHE C 40 6.04 2.26 8.23
N SER C 41 5.75 1.20 7.46
CA SER C 41 6.43 0.98 6.20
CA SER C 41 6.43 0.98 6.19
C SER C 41 6.16 2.10 5.21
N ARG C 42 4.94 2.61 5.20
CA ARG C 42 4.59 3.71 4.30
C ARG C 42 5.32 4.99 4.69
N HIS C 43 5.49 5.21 5.99
CA HIS C 43 6.27 6.36 6.47
C HIS C 43 7.71 6.26 5.95
N GLU C 44 8.25 5.04 5.87
CA GLU C 44 9.58 4.86 5.30
C GLU C 44 9.60 5.15 3.80
N GLU C 45 8.62 4.60 3.08
CA GLU C 45 8.55 4.80 1.62
C GLU C 45 8.46 6.29 1.25
N LEU C 46 7.73 7.05 2.06
CA LEU C 46 7.51 8.47 1.81
C LEU C 46 8.60 9.34 2.43
N ARG C 47 9.58 8.68 3.07
CA ARG C 47 10.73 9.36 3.66
C ARG C 47 10.32 10.32 4.77
N LEU C 48 9.23 9.98 5.44
CA LEU C 48 8.72 10.77 6.55
C LEU C 48 9.40 10.38 7.87
N LEU C 49 9.75 9.11 7.99
CA LEU C 49 10.33 8.60 9.23
C LEU C 49 11.57 9.36 9.69
N SER C 50 12.54 9.51 8.79
CA SER C 50 13.79 10.16 9.17
C SER C 50 13.62 11.66 9.41
N ARG C 51 12.44 12.19 9.08
CA ARG C 51 12.14 13.60 9.33
C ARG C 51 11.62 13.81 10.74
N CYS C 52 11.23 12.72 11.39
CA CYS C 52 10.68 12.79 12.75
C CYS C 52 11.69 12.48 13.84
N HIS C 53 11.47 13.04 15.02
CA HIS C 53 12.19 12.62 16.21
C HIS C 53 11.59 11.33 16.74
N ARG C 54 12.40 10.27 16.83
CA ARG C 54 11.89 8.97 17.25
C ARG C 54 11.74 8.88 18.77
N ILE C 55 10.50 8.66 19.20
CA ILE C 55 10.17 8.59 20.62
C ILE C 55 10.00 7.13 21.01
N PRO C 56 10.70 6.71 22.07
CA PRO C 56 10.63 5.31 22.51
C PRO C 56 9.30 4.92 23.11
N ALA C 57 8.85 3.70 22.86
CA ALA C 57 7.71 3.14 23.57
C ALA C 57 8.12 2.77 24.98
N ARG C 58 7.16 2.75 25.90
CA ARG C 58 7.40 2.21 27.22
C ARG C 58 6.10 1.59 27.71
N LEU C 59 6.18 0.77 28.74
CA LEU C 59 4.99 0.25 29.40
C LEU C 59 4.34 1.31 30.29
N ALA C 60 3.02 1.41 30.20
CA ALA C 60 2.25 2.15 31.18
C ALA C 60 2.34 1.39 32.50
N THR C 61 2.40 2.11 33.60
CA THR C 61 2.37 1.49 34.91
C THR C 61 0.92 1.28 35.35
N GLU C 62 0.72 0.38 36.31
CA GLU C 62 -0.62 0.10 36.82
C GLU C 62 -1.20 1.34 37.49
N GLU C 63 -0.34 2.12 38.13
CA GLU C 63 -0.77 3.37 38.75
C GLU C 63 -1.23 4.35 37.66
N GLU C 64 -0.56 4.35 36.52
CA GLU C 64 -1.01 5.18 35.41
C GLU C 64 -2.35 4.69 34.85
N LEU C 65 -2.54 3.38 34.78
CA LEU C 65 -3.81 2.86 34.26
C LEU C 65 -4.97 3.26 35.17
N ALA C 66 -4.68 3.43 36.45
CA ALA C 66 -5.72 3.77 37.43
C ALA C 66 -6.19 5.21 37.31
N LEU C 67 -5.53 6.00 36.47
CA LEU C 67 -6.03 7.36 36.18
C LEU C 67 -7.45 7.31 35.58
N CYS C 68 -7.76 6.22 34.86
CA CYS C 68 -9.07 6.09 34.20
C CYS C 68 -9.81 4.77 34.45
N HIS C 69 -9.10 3.72 34.90
CA HIS C 69 -9.70 2.40 34.99
C HIS C 69 -9.73 1.88 36.40
N SER C 70 -10.72 1.04 36.70
CA SER C 70 -10.88 0.45 38.02
C SER C 70 -9.77 -0.56 38.30
N SER C 71 -9.48 -0.79 39.58
CA SER C 71 -8.43 -1.74 39.94
C SER C 71 -8.83 -3.15 39.50
N LYS C 72 -10.13 -3.42 39.51
CA LYS C 72 -10.63 -4.74 39.14
C LYS C 72 -10.41 -5.02 37.65
N HIS C 73 -10.71 -4.03 36.81
CA HIS C 73 -10.49 -4.14 35.37
C HIS C 73 -9.02 -4.38 35.06
N ILE C 74 -8.15 -3.62 35.74
CA ILE C 74 -6.72 -3.73 35.53
C ILE C 74 -6.23 -5.12 35.89
N SER C 75 -6.66 -5.61 37.05
CA SER C 75 -6.23 -6.91 37.52
CA SER C 75 -6.24 -6.91 37.54
C SER C 75 -6.68 -8.03 36.59
N ILE C 76 -7.90 -7.93 36.07
CA ILE C 76 -8.43 -8.96 35.19
C ILE C 76 -7.65 -9.03 33.87
N ILE C 77 -7.44 -7.88 33.23
CA ILE C 77 -6.70 -7.89 31.97
C ILE C 77 -5.26 -8.33 32.23
N LYS C 78 -4.66 -7.83 33.31
CA LYS C 78 -3.31 -8.24 33.69
C LYS C 78 -3.18 -9.76 33.85
N SER C 79 -4.22 -10.39 34.39
CA SER C 79 -4.19 -11.82 34.66
C SER C 79 -4.16 -12.65 33.39
N SER C 80 -4.57 -12.05 32.27
CA SER C 80 -4.67 -12.81 31.02
C SER C 80 -3.31 -13.17 30.44
N GLU C 81 -2.25 -12.50 30.91
CA GLU C 81 -0.90 -12.74 30.42
C GLU C 81 -0.45 -14.18 30.65
N HIS C 82 -1.00 -14.83 31.68
CA HIS C 82 -0.59 -16.19 32.02
C HIS C 82 -1.72 -17.23 31.89
N MET C 83 -2.79 -16.87 31.18
CA MET C 83 -3.89 -17.80 30.98
C MET C 83 -3.62 -18.77 29.84
N LYS C 84 -4.10 -20.00 29.97
CA LYS C 84 -4.05 -20.95 28.86
C LYS C 84 -5.16 -20.59 27.86
N PRO C 85 -5.04 -21.07 26.62
CA PRO C 85 -6.01 -20.69 25.58
C PRO C 85 -7.49 -20.84 25.97
N ARG C 86 -7.84 -21.90 26.69
CA ARG C 86 -9.25 -22.08 27.05
C ARG C 86 -9.78 -20.91 27.87
N ASP C 87 -8.95 -20.43 28.78
CA ASP C 87 -9.37 -19.33 29.66
C ASP C 87 -9.34 -17.98 28.92
N LEU C 88 -8.34 -17.80 28.06
CA LEU C 88 -8.30 -16.60 27.21
C LEU C 88 -9.57 -16.49 26.38
N ASN C 89 -10.03 -17.61 25.84
CA ASN C 89 -11.27 -17.61 25.06
C ASN C 89 -12.48 -17.23 25.90
N ARG C 90 -12.58 -17.84 27.08
CA ARG C 90 -13.68 -17.54 27.99
C ARG C 90 -13.66 -16.07 28.44
N LEU C 91 -12.47 -15.56 28.74
CA LEU C 91 -12.35 -14.17 29.18
C LEU C 91 -12.81 -13.20 28.11
N GLY C 92 -12.34 -13.41 26.87
CA GLY C 92 -12.70 -12.56 25.76
C GLY C 92 -14.20 -12.51 25.54
N ASP C 93 -14.87 -13.65 25.72
CA ASP C 93 -16.30 -13.76 25.46
C ASP C 93 -17.13 -13.02 26.51
N GLU C 94 -16.49 -12.58 27.58
CA GLU C 94 -17.20 -11.80 28.59
C GLU C 94 -17.39 -10.35 28.15
N TYR C 95 -16.70 -9.95 27.08
CA TYR C 95 -16.80 -8.59 26.58
C TYR C 95 -17.49 -8.53 25.23
N ASN C 96 -17.87 -7.31 24.85
CA ASN C 96 -18.40 -7.08 23.52
C ASN C 96 -17.23 -6.86 22.56
N SER C 97 -17.05 -7.80 21.64
CA SER C 97 -16.06 -7.70 20.55
C SER C 97 -14.61 -7.56 21.03
N ILE C 98 -14.15 -8.54 21.79
CA ILE C 98 -12.78 -8.58 22.31
C ILE C 98 -12.17 -9.96 22.08
N PHE C 99 -10.94 -10.00 21.57
CA PHE C 99 -10.14 -11.22 21.54
C PHE C 99 -8.86 -10.99 22.35
N ILE C 100 -8.35 -12.04 23.00
CA ILE C 100 -7.17 -11.88 23.84
C ILE C 100 -6.14 -12.98 23.59
N SER C 101 -4.86 -12.59 23.54
CA SER C 101 -3.77 -13.57 23.59
C SER C 101 -2.87 -13.25 24.79
N ASN C 102 -1.86 -14.09 25.02
CA ASN C 102 -1.01 -13.89 26.21
C ASN C 102 -0.22 -12.59 26.17
N GLU C 103 -0.11 -12.01 24.97
CA GLU C 103 0.68 -10.79 24.78
C GLU C 103 -0.19 -9.52 24.81
N SER C 104 -1.50 -9.67 24.93
CA SER C 104 -2.43 -8.55 24.77
C SER C 104 -2.24 -7.47 25.83
N TYR C 105 -2.16 -7.87 27.09
CA TYR C 105 -1.96 -6.93 28.19
C TYR C 105 -0.71 -6.08 27.96
N THR C 106 0.43 -6.73 27.71
CA THR C 106 1.67 -6.01 27.41
C THR C 106 1.53 -5.05 26.24
N CYS C 107 0.88 -5.47 25.16
CA CYS C 107 0.71 -4.59 24.00
C CYS C 107 -0.12 -3.36 24.38
N ALA C 108 -1.19 -3.58 25.13
CA ALA C 108 -2.05 -2.49 25.59
C ALA C 108 -1.25 -1.52 26.47
N LEU C 109 -0.41 -2.07 27.34
CA LEU C 109 0.48 -1.24 28.16
C LEU C 109 1.42 -0.40 27.31
N LEU C 110 1.98 -1.01 26.25
CA LEU C 110 2.90 -0.31 25.36
C LEU C 110 2.20 0.77 24.55
N ALA C 111 0.96 0.50 24.12
CA ALA C 111 0.23 1.50 23.37
C ALA C 111 0.02 2.75 24.23
N ALA C 112 -0.38 2.54 25.48
CA ALA C 112 -0.61 3.67 26.39
C ALA C 112 0.69 4.39 26.72
N GLY C 113 1.70 3.63 27.13
CA GLY C 113 2.97 4.21 27.54
C GLY C 113 3.63 4.97 26.41
N SER C 114 3.45 4.49 25.18
CA SER C 114 3.95 5.18 24.00
C SER C 114 3.36 6.57 23.89
N CYS C 115 2.05 6.67 24.11
CA CYS C 115 1.39 7.95 24.01
C CYS C 115 1.75 8.85 25.21
N PHE C 116 1.98 8.28 26.39
CA PHE C 116 2.46 9.10 27.52
C PHE C 116 3.81 9.74 27.19
N ASN C 117 4.72 8.95 26.63
CA ASN C 117 6.02 9.49 26.24
C ASN C 117 5.86 10.58 25.17
N SER C 118 4.86 10.42 24.30
CA SER C 118 4.65 11.39 23.24
C SER C 118 4.09 12.69 23.82
N ALA C 119 3.09 12.56 24.68
CA ALA C 119 2.53 13.73 25.37
C ALA C 119 3.59 14.47 26.17
N GLN C 120 4.45 13.71 26.85
CA GLN C 120 5.53 14.31 27.63
C GLN C 120 6.51 15.07 26.74
N ALA C 121 6.84 14.50 25.58
CA ALA C 121 7.78 15.18 24.68
C ALA C 121 7.21 16.50 24.19
N ILE C 122 5.91 16.53 23.92
CA ILE C 122 5.26 17.76 23.49
C ILE C 122 5.24 18.78 24.64
N LEU C 123 4.87 18.33 25.83
CA LEU C 123 4.65 19.25 26.93
C LEU C 123 5.95 19.79 27.54
N THR C 124 7.06 19.08 27.31
CA THR C 124 8.37 19.55 27.74
C THR C 124 9.08 20.35 26.64
N GLY C 125 8.44 20.47 25.48
CA GLY C 125 9.01 21.26 24.40
C GLY C 125 10.05 20.54 23.55
N GLN C 126 10.24 19.24 23.74
CA GLN C 126 11.18 18.47 22.93
CA GLN C 126 11.20 18.51 22.92
C GLN C 126 10.70 18.40 21.47
N VAL C 127 9.39 18.23 21.29
CA VAL C 127 8.78 18.27 19.96
C VAL C 127 7.55 19.18 20.00
N ARG C 128 7.10 19.65 18.85
CA ARG C 128 5.89 20.47 18.79
C ARG C 128 4.63 19.59 18.71
N ASN C 129 4.73 18.50 17.96
CA ASN C 129 3.60 17.62 17.79
C ASN C 129 4.12 16.20 17.57
N ALA C 130 3.23 15.23 17.42
CA ALA C 130 3.67 13.84 17.39
C ALA C 130 2.61 12.89 16.86
N VAL C 131 3.05 11.74 16.38
CA VAL C 131 2.16 10.69 15.90
CA VAL C 131 2.17 10.70 15.90
C VAL C 131 2.51 9.39 16.60
N ALA C 132 1.48 8.60 16.91
CA ALA C 132 1.66 7.37 17.66
C ALA C 132 1.05 6.23 16.87
N ILE C 133 1.89 5.37 16.32
CA ILE C 133 1.43 4.25 15.53
C ILE C 133 1.32 3.06 16.47
N VAL C 134 0.14 2.88 17.07
CA VAL C 134 -0.03 1.93 18.16
C VAL C 134 -1.26 1.02 17.99
N ARG C 135 -1.20 -0.16 18.62
CA ARG C 135 -2.35 -1.05 18.76
C ARG C 135 -2.13 -1.88 20.02
N PRO C 136 -3.20 -2.45 20.62
CA PRO C 136 -4.62 -2.33 20.24
C PRO C 136 -5.14 -0.90 20.44
N PRO C 137 -6.27 -0.55 19.80
CA PRO C 137 -6.92 0.77 19.93
C PRO C 137 -7.47 0.96 21.34
N GLY C 138 -7.98 2.15 21.64
CA GLY C 138 -8.37 2.48 23.01
C GLY C 138 -9.74 3.08 23.26
N HIS C 139 -10.33 3.75 22.28
CA HIS C 139 -11.41 4.68 22.62
C HIS C 139 -12.73 4.02 23.06
N ALA C 140 -12.87 2.71 22.82
CA ALA C 140 -14.09 1.99 23.21
C ALA C 140 -13.97 1.44 24.63
N ALA C 141 -12.77 1.46 25.18
CA ALA C 141 -12.55 0.88 26.52
C ALA C 141 -13.11 1.80 27.60
N GLU C 142 -13.86 1.21 28.51
CA GLU C 142 -14.50 1.94 29.61
C GLU C 142 -13.68 1.84 30.88
N LYS C 143 -14.09 2.57 31.91
CA LYS C 143 -13.43 2.51 33.21
C LYS C 143 -13.33 1.07 33.72
N ASP C 144 -14.41 0.31 33.57
CA ASP C 144 -14.51 -0.99 34.23
C ASP C 144 -14.52 -2.16 33.26
N THR C 145 -14.39 -1.90 31.96
CA THR C 145 -14.54 -3.00 31.01
C THR C 145 -13.83 -2.79 29.67
N ALA C 146 -13.43 -3.91 29.05
CA ALA C 146 -12.90 -3.90 27.70
C ALA C 146 -14.06 -3.91 26.72
N CYS C 147 -13.84 -3.36 25.52
CA CYS C 147 -14.88 -3.30 24.50
C CYS C 147 -14.31 -2.95 23.12
N GLY C 148 -14.95 -3.45 22.06
CA GLY C 148 -14.66 -3.05 20.68
C GLY C 148 -13.18 -2.99 20.27
N PHE C 149 -12.45 -4.07 20.56
CA PHE C 149 -11.04 -4.28 20.23
C PHE C 149 -10.11 -3.54 21.19
N CYS C 150 -10.67 -2.83 22.19
CA CYS C 150 -9.90 -1.97 23.10
C CYS C 150 -9.84 -2.52 24.54
N PHE C 151 -8.68 -2.43 25.19
CA PHE C 151 -8.53 -2.87 26.59
C PHE C 151 -8.44 -1.70 27.58
N PHE C 152 -7.54 -0.77 27.31
CA PHE C 152 -7.42 0.44 28.12
C PHE C 152 -7.59 1.63 27.20
N ASN C 153 -8.12 2.73 27.74
CA ASN C 153 -8.45 3.87 26.90
C ASN C 153 -7.25 4.82 26.77
N THR C 154 -6.41 4.49 25.79
CA THR C 154 -5.14 5.17 25.56
C THR C 154 -5.29 6.69 25.52
N ALA C 155 -6.23 7.19 24.72
CA ALA C 155 -6.39 8.64 24.60
C ALA C 155 -6.83 9.29 25.93
N ALA C 156 -7.80 8.68 26.61
CA ALA C 156 -8.27 9.19 27.90
C ALA C 156 -7.15 9.19 28.93
N LEU C 157 -6.42 8.09 28.99
CA LEU C 157 -5.27 8.02 29.89
C LEU C 157 -4.22 9.09 29.58
N THR C 158 -4.03 9.36 28.29
CA THR C 158 -3.02 10.35 27.89
C THR C 158 -3.44 11.75 28.33
N ALA C 159 -4.73 12.05 28.21
CA ALA C 159 -5.26 13.31 28.75
C ALA C 159 -4.97 13.44 30.24
N ARG C 160 -5.25 12.40 31.02
CA ARG C 160 -5.00 12.45 32.46
C ARG C 160 -3.51 12.50 32.76
N TYR C 161 -2.72 11.76 32.01
CA TYR C 161 -1.26 11.80 32.19
C TYR C 161 -0.73 13.22 31.97
N ALA C 162 -1.18 13.87 30.90
CA ALA C 162 -0.79 15.24 30.60
C ALA C 162 -1.12 16.17 31.77
N GLN C 163 -2.33 16.03 32.30
CA GLN C 163 -2.74 16.82 33.44
C GLN C 163 -1.87 16.52 34.67
N SER C 164 -1.44 15.27 34.81
CA SER C 164 -0.61 14.87 35.96
C SER C 164 0.80 15.46 35.97
N ILE C 165 1.26 15.96 34.82
CA ILE C 165 2.59 16.57 34.79
C ILE C 165 2.52 18.07 34.53
N THR C 166 1.31 18.62 34.49
CA THR C 166 1.14 20.06 34.32
C THR C 166 0.23 20.61 35.42
N ARG C 167 -1.08 20.61 35.17
CA ARG C 167 -2.02 20.91 36.23
C ARG C 167 -3.31 20.18 35.94
N GLU C 168 -4.07 19.93 37.00
CA GLU C 168 -5.28 19.13 36.90
C GLU C 168 -6.25 19.68 35.87
N SER C 169 -6.38 21.00 35.82
CA SER C 169 -7.33 21.63 34.92
C SER C 169 -6.79 21.96 33.52
N LEU C 170 -5.65 21.37 33.15
CA LEU C 170 -5.11 21.58 31.80
C LEU C 170 -6.20 21.28 30.77
N ARG C 171 -6.47 22.24 29.88
CA ARG C 171 -7.55 22.04 28.91
C ARG C 171 -7.07 21.13 27.78
N VAL C 172 -7.69 19.96 27.71
CA VAL C 172 -7.36 18.99 26.67
C VAL C 172 -8.56 18.78 25.74
N LEU C 173 -8.34 18.96 24.44
CA LEU C 173 -9.34 18.59 23.44
C LEU C 173 -9.03 17.23 22.86
N ILE C 174 -10.02 16.34 22.87
CA ILE C 174 -9.92 15.05 22.19
C ILE C 174 -10.86 15.08 21.01
N VAL C 175 -10.30 15.06 19.81
CA VAL C 175 -11.11 14.93 18.60
C VAL C 175 -11.00 13.48 18.16
N ASP C 176 -12.16 12.85 18.00
CA ASP C 176 -12.23 11.43 17.72
C ASP C 176 -12.89 11.27 16.35
N TRP C 177 -12.10 11.01 15.31
CA TRP C 177 -12.67 10.90 13.97
C TRP C 177 -12.66 9.47 13.48
N ASP C 178 -12.38 8.53 14.39
CA ASP C 178 -12.67 7.12 14.15
C ASP C 178 -14.15 7.03 13.76
N VAL C 179 -14.53 6.10 12.88
CA VAL C 179 -15.91 6.05 12.36
C VAL C 179 -16.87 5.55 13.44
N HIS C 180 -16.33 4.93 14.49
CA HIS C 180 -17.13 4.51 15.65
C HIS C 180 -17.12 5.53 16.78
N HIS C 181 -18.25 5.63 17.48
CA HIS C 181 -18.28 6.44 18.70
C HIS C 181 -17.22 5.95 19.67
N GLY C 182 -16.57 6.87 20.37
CA GLY C 182 -15.69 6.49 21.46
C GLY C 182 -16.46 6.45 22.76
N ASN C 183 -17.26 5.40 22.94
CA ASN C 183 -18.14 5.30 24.10
C ASN C 183 -17.39 5.43 25.41
N GLY C 184 -16.20 4.84 25.48
CA GLY C 184 -15.40 4.88 26.70
C GLY C 184 -14.89 6.26 27.02
N THR C 185 -14.41 6.95 26.00
CA THR C 185 -13.90 8.30 26.20
C THR C 185 -15.02 9.27 26.62
N GLN C 186 -16.18 9.17 25.98
CA GLN C 186 -17.33 9.98 26.40
C GLN C 186 -17.63 9.79 27.88
N HIS C 187 -17.70 8.53 28.29
CA HIS C 187 -18.12 8.23 29.65
C HIS C 187 -17.09 8.68 30.68
N ILE C 188 -15.82 8.44 30.39
CA ILE C 188 -14.76 8.83 31.31
C ILE C 188 -14.76 10.35 31.56
N PHE C 189 -15.06 11.14 30.54
CA PHE C 189 -15.03 12.60 30.71
C PHE C 189 -16.39 13.29 30.74
N GLU C 190 -17.46 12.52 30.89
CA GLU C 190 -18.81 13.06 30.72
C GLU C 190 -19.14 14.19 31.72
N GLU C 191 -18.54 14.15 32.91
CA GLU C 191 -18.79 15.18 33.92
C GLU C 191 -17.65 16.19 34.01
N ASP C 192 -16.74 16.16 33.04
CA ASP C 192 -15.49 16.91 33.07
C ASP C 192 -15.50 18.08 32.09
N ASP C 193 -15.22 19.28 32.60
CA ASP C 193 -15.10 20.47 31.74
C ASP C 193 -13.64 20.81 31.41
N SER C 194 -12.70 20.00 31.87
CA SER C 194 -11.30 20.21 31.51
C SER C 194 -10.94 19.42 30.25
N VAL C 195 -11.76 18.43 29.91
CA VAL C 195 -11.51 17.64 28.71
C VAL C 195 -12.74 17.74 27.78
N LEU C 196 -12.56 18.39 26.65
CA LEU C 196 -13.63 18.51 25.66
C LEU C 196 -13.55 17.34 24.71
N TYR C 197 -14.61 16.55 24.64
CA TYR C 197 -14.67 15.40 23.75
C TYR C 197 -15.57 15.72 22.56
N ILE C 198 -14.99 15.66 21.36
CA ILE C 198 -15.76 15.83 20.13
C ILE C 198 -15.61 14.57 19.28
N SER C 199 -16.71 13.90 19.01
CA SER C 199 -16.67 12.69 18.22
C SER C 199 -17.53 12.84 16.98
N LEU C 200 -16.97 12.45 15.83
CA LEU C 200 -17.77 12.25 14.62
C LEU C 200 -17.84 10.75 14.40
N HIS C 201 -19.02 10.23 14.09
CA HIS C 201 -19.20 8.78 13.96
C HIS C 201 -20.45 8.39 13.22
N ARG C 202 -20.38 7.24 12.56
CA ARG C 202 -21.56 6.65 11.96
C ARG C 202 -22.44 6.14 13.09
N TYR C 203 -23.75 6.38 12.98
CA TYR C 203 -24.67 6.06 14.07
C TYR C 203 -25.84 5.21 13.58
N GLU C 204 -26.46 5.66 12.49
CA GLU C 204 -27.59 4.97 11.85
C GLU C 204 -28.69 4.65 12.87
N ASP C 205 -29.03 5.64 13.67
CA ASP C 205 -30.08 5.53 14.69
C ASP C 205 -29.90 4.32 15.60
N GLY C 206 -28.64 3.95 15.84
CA GLY C 206 -28.32 2.85 16.74
C GLY C 206 -27.96 1.54 16.05
N ALA C 207 -28.07 1.47 14.73
CA ALA C 207 -27.74 0.24 14.01
C ALA C 207 -26.23 0.01 13.91
N PHE C 208 -25.44 1.08 13.99
CA PHE C 208 -23.99 0.96 13.85
C PHE C 208 -23.32 0.77 15.22
N PHE C 209 -22.30 -0.08 15.28
CA PHE C 209 -21.58 -0.35 16.52
C PHE C 209 -21.07 0.95 17.14
N PRO C 210 -21.14 1.08 18.48
CA PRO C 210 -21.55 0.12 19.51
C PRO C 210 -23.05 0.10 19.84
N ASN C 211 -23.88 0.56 18.92
CA ASN C 211 -25.33 0.36 19.00
C ASN C 211 -25.99 0.96 20.24
N SER C 212 -25.52 2.12 20.67
CA SER C 212 -26.06 2.77 21.88
C SER C 212 -26.52 4.19 21.60
N GLU C 213 -27.60 4.61 22.26
CA GLU C 213 -28.10 5.96 22.06
C GLU C 213 -27.19 6.98 22.76
N ASP C 214 -26.23 6.50 23.54
CA ASP C 214 -25.20 7.37 24.12
C ASP C 214 -24.48 8.19 23.05
N ALA C 215 -24.50 7.69 21.81
CA ALA C 215 -23.75 8.31 20.72
C ALA C 215 -24.54 9.40 19.99
N ASN C 216 -25.78 9.64 20.38
CA ASN C 216 -26.58 10.63 19.67
C ASN C 216 -26.23 12.08 20.06
N TYR C 217 -26.74 13.03 19.27
CA TYR C 217 -26.32 14.43 19.38
C TYR C 217 -26.80 15.10 20.67
N ASP C 218 -27.82 14.52 21.30
CA ASP C 218 -28.42 15.15 22.47
C ASP C 218 -27.69 14.79 23.77
N LYS C 219 -26.64 13.99 23.67
CA LYS C 219 -25.82 13.70 24.84
C LYS C 219 -24.71 14.76 24.91
N VAL C 220 -24.93 15.78 25.72
CA VAL C 220 -24.06 16.96 25.70
C VAL C 220 -23.13 17.05 26.90
N GLY C 221 -23.10 16.01 27.73
CA GLY C 221 -22.33 16.04 28.95
C GLY C 221 -23.23 16.20 30.16
N LEU C 222 -22.66 15.99 31.35
CA LEU C 222 -23.43 15.97 32.60
C LEU C 222 -22.81 16.89 33.66
N GLY C 223 -23.67 17.52 34.47
CA GLY C 223 -23.17 18.40 35.52
C GLY C 223 -22.35 19.55 34.97
N LYS C 224 -21.16 19.76 35.52
CA LYS C 224 -20.29 20.82 35.02
C LYS C 224 -19.71 20.48 33.64
N GLY C 225 -19.88 19.23 33.22
CA GLY C 225 -19.44 18.79 31.91
C GLY C 225 -20.42 19.12 30.79
N ARG C 226 -21.56 19.72 31.15
CA ARG C 226 -22.56 20.07 30.15
C ARG C 226 -21.99 21.04 29.11
N GLY C 227 -22.06 20.62 27.85
CA GLY C 227 -21.48 21.38 26.77
C GLY C 227 -20.13 20.85 26.32
N TYR C 228 -19.52 19.98 27.13
CA TYR C 228 -18.16 19.52 26.84
C TYR C 228 -18.11 18.10 26.28
N ASN C 229 -19.28 17.63 25.84
CA ASN C 229 -19.36 16.40 25.06
C ASN C 229 -20.13 16.67 23.77
N VAL C 230 -19.46 16.53 22.63
CA VAL C 230 -20.09 16.86 21.36
C VAL C 230 -20.13 15.66 20.44
N ASN C 231 -21.31 15.05 20.31
CA ASN C 231 -21.50 13.95 19.38
C ASN C 231 -22.05 14.41 18.04
N ILE C 232 -21.38 14.01 16.96
CA ILE C 232 -21.83 14.36 15.61
C ILE C 232 -22.10 13.04 14.88
N PRO C 233 -23.35 12.58 14.93
CA PRO C 233 -23.75 11.26 14.42
C PRO C 233 -24.24 11.28 12.98
N TRP C 234 -23.73 10.36 12.17
CA TRP C 234 -24.15 10.29 10.78
C TRP C 234 -25.21 9.20 10.58
N ASN C 235 -26.24 9.54 9.81
CA ASN C 235 -27.29 8.58 9.46
C ASN C 235 -27.56 8.56 7.97
N GLY C 236 -27.90 7.39 7.45
N GLY C 236 -27.84 7.38 7.43
CA GLY C 236 -28.44 7.25 6.10
CA GLY C 236 -28.27 7.25 6.06
C GLY C 236 -27.74 7.99 4.98
C GLY C 236 -27.20 7.18 4.99
N GLY C 237 -26.45 7.75 4.83
N GLY C 237 -26.25 6.27 5.14
CA GLY C 237 -25.67 8.37 3.76
CA GLY C 237 -25.28 6.04 4.08
C GLY C 237 -24.20 8.01 3.89
C GLY C 237 -23.97 6.81 4.15
N LYS C 238 -23.53 7.84 2.76
N LYS C 238 -23.34 6.97 2.99
CA LYS C 238 -22.13 7.42 2.76
CA LYS C 238 -21.89 7.17 2.93
C LYS C 238 -21.22 8.63 2.75
C LYS C 238 -21.41 8.62 2.82
N MET C 239 -20.90 9.11 3.96
CA MET C 239 -20.30 10.42 4.08
C MET C 239 -18.84 10.42 3.63
N GLY C 240 -18.34 11.59 3.29
CA GLY C 240 -16.97 11.71 2.82
C GLY C 240 -16.41 13.07 3.15
N ASP C 241 -15.44 13.51 2.35
CA ASP C 241 -14.78 14.78 2.60
C ASP C 241 -15.75 15.97 2.77
N PRO C 242 -16.75 16.13 1.86
CA PRO C 242 -17.60 17.31 2.02
C PRO C 242 -18.27 17.42 3.39
N GLU C 243 -18.75 16.29 3.89
CA GLU C 243 -19.46 16.23 5.15
C GLU C 243 -18.53 16.47 6.33
N TYR C 244 -17.34 15.89 6.29
CA TYR C 244 -16.40 16.11 7.38
C TYR C 244 -15.83 17.53 7.36
N MET C 245 -15.57 18.07 6.18
CA MET C 245 -15.14 19.46 6.09
C MET C 245 -16.20 20.40 6.65
N ALA C 246 -17.47 20.12 6.33
CA ALA C 246 -18.56 20.96 6.82
C ALA C 246 -18.69 20.86 8.34
N ALA C 247 -18.58 19.64 8.86
CA ALA C 247 -18.67 19.42 10.31
C ALA C 247 -17.57 20.19 11.04
N PHE C 248 -16.35 20.17 10.48
CA PHE C 248 -15.26 20.95 11.06
C PHE C 248 -15.50 22.46 10.95
N HIS C 249 -16.03 22.90 9.82
CA HIS C 249 -16.26 24.32 9.61
C HIS C 249 -17.31 24.88 10.56
N HIS C 250 -18.40 24.14 10.74
CA HIS C 250 -19.56 24.64 11.46
C HIS C 250 -19.55 24.29 12.95
N LEU C 251 -18.86 23.22 13.30
CA LEU C 251 -18.96 22.67 14.65
C LEU C 251 -17.60 22.53 15.33
N VAL C 252 -16.77 21.64 14.79
CA VAL C 252 -15.55 21.26 15.50
C VAL C 252 -14.66 22.47 15.77
N MET C 253 -14.36 23.25 14.74
CA MET C 253 -13.41 24.35 14.92
C MET C 253 -13.98 25.56 15.69
N PRO C 254 -15.24 25.97 15.42
CA PRO C 254 -15.71 27.09 16.25
C PRO C 254 -15.74 26.74 17.73
N ILE C 255 -16.15 25.52 18.06
CA ILE C 255 -16.19 25.10 19.46
C ILE C 255 -14.79 24.96 20.04
N ALA C 256 -13.89 24.31 19.31
CA ALA C 256 -12.53 24.11 19.79
C ALA C 256 -11.81 25.44 20.01
N ARG C 257 -12.01 26.40 19.11
CA ARG C 257 -11.39 27.71 19.28
C ARG C 257 -11.88 28.41 20.55
N GLU C 258 -13.17 28.31 20.82
CA GLU C 258 -13.74 28.91 22.03
C GLU C 258 -13.23 28.23 23.29
N PHE C 259 -13.04 26.90 23.20
CA PHE C 259 -12.51 26.11 24.30
C PHE C 259 -11.07 26.47 24.60
N ALA C 260 -10.34 26.80 23.55
CA ALA C 260 -8.92 27.19 23.65
C ALA C 260 -8.07 26.12 24.34
N PRO C 261 -7.98 24.92 23.74
CA PRO C 261 -7.23 23.83 24.38
C PRO C 261 -5.74 24.15 24.52
N GLU C 262 -5.11 23.55 25.50
CA GLU C 262 -3.67 23.66 25.66
C GLU C 262 -2.96 22.44 25.09
N LEU C 263 -3.75 21.41 24.77
CA LEU C 263 -3.23 20.20 24.14
C LEU C 263 -4.35 19.59 23.32
N VAL C 264 -4.04 19.14 22.11
CA VAL C 264 -5.02 18.47 21.27
C VAL C 264 -4.62 17.02 21.09
N LEU C 265 -5.54 16.11 21.39
CA LEU C 265 -5.32 14.69 21.16
C LEU C 265 -6.31 14.25 20.09
N VAL C 266 -5.82 13.53 19.07
CA VAL C 266 -6.73 13.00 18.08
C VAL C 266 -6.82 11.49 18.23
N SER C 267 -8.01 11.01 18.57
CA SER C 267 -8.32 9.59 18.44
C SER C 267 -8.54 9.34 16.96
N ALA C 268 -7.44 9.06 16.27
CA ALA C 268 -7.41 9.02 14.81
C ALA C 268 -7.59 7.59 14.29
N GLY C 269 -8.82 7.12 14.26
CA GLY C 269 -9.11 5.90 13.54
C GLY C 269 -9.23 6.29 12.08
N PHE C 270 -8.85 5.41 11.17
CA PHE C 270 -8.96 5.72 9.77
C PHE C 270 -9.95 4.76 9.09
N ASP C 271 -11.02 4.44 9.80
CA ASP C 271 -12.04 3.56 9.25
C ASP C 271 -13.22 4.32 8.64
N ALA C 272 -13.17 5.64 8.65
CA ALA C 272 -14.09 6.41 7.81
C ALA C 272 -13.50 6.60 6.42
N ALA C 273 -12.33 6.00 6.18
CA ALA C 273 -11.62 6.18 4.90
C ALA C 273 -12.26 5.40 3.75
N ARG C 274 -12.12 5.95 2.54
CA ARG C 274 -12.51 5.24 1.34
C ARG C 274 -11.84 3.85 1.32
N GLY C 275 -12.64 2.81 1.13
CA GLY C 275 -12.11 1.46 1.10
C GLY C 275 -12.22 0.65 2.38
N ASP C 276 -12.58 1.29 3.50
CA ASP C 276 -12.65 0.56 4.77
C ASP C 276 -13.84 -0.38 4.82
N PRO C 277 -13.61 -1.64 5.19
CA PRO C 277 -14.69 -2.65 5.19
C PRO C 277 -15.70 -2.48 6.34
N LEU C 278 -15.27 -1.91 7.46
CA LEU C 278 -16.19 -1.70 8.59
C LEU C 278 -16.94 -0.37 8.47
N GLY C 279 -16.26 0.67 7.99
CA GLY C 279 -16.86 2.00 8.01
C GLY C 279 -17.81 2.30 6.86
N GLY C 280 -17.45 1.91 5.65
CA GLY C 280 -18.30 2.16 4.50
C GLY C 280 -18.38 3.61 4.05
N PHE C 281 -17.47 4.45 4.52
CA PHE C 281 -17.47 5.87 4.16
C PHE C 281 -16.39 6.15 3.10
N GLN C 282 -16.20 7.42 2.75
CA GLN C 282 -15.25 7.73 1.70
C GLN C 282 -14.39 8.97 1.92
N VAL C 283 -13.98 9.20 3.18
CA VAL C 283 -13.01 10.24 3.48
C VAL C 283 -11.69 9.86 2.78
N THR C 284 -11.05 10.83 2.15
CA THR C 284 -9.83 10.58 1.38
C THR C 284 -8.59 10.90 2.23
N PRO C 285 -7.40 10.42 1.78
CA PRO C 285 -6.18 10.79 2.51
C PRO C 285 -5.97 12.29 2.55
N GLU C 286 -6.34 12.97 1.47
CA GLU C 286 -6.26 14.42 1.41
C GLU C 286 -7.24 15.06 2.38
N GLY C 287 -8.38 14.41 2.57
CA GLY C 287 -9.36 14.85 3.55
C GLY C 287 -8.79 14.81 4.95
N TYR C 288 -8.15 13.70 5.30
CA TYR C 288 -7.52 13.58 6.61
C TYR C 288 -6.44 14.62 6.77
N ALA C 289 -5.71 14.89 5.69
CA ALA C 289 -4.66 15.90 5.71
C ALA C 289 -5.22 17.27 6.11
N HIS C 290 -6.36 17.63 5.52
CA HIS C 290 -6.99 18.92 5.83
C HIS C 290 -7.55 18.99 7.25
N LEU C 291 -8.13 17.89 7.74
CA LEU C 291 -8.58 17.86 9.13
C LEU C 291 -7.40 18.07 10.10
N THR C 292 -6.29 17.40 9.82
CA THR C 292 -5.10 17.57 10.65
C THR C 292 -4.60 19.01 10.63
N HIS C 293 -4.51 19.59 9.43
CA HIS C 293 -4.01 20.95 9.24
C HIS C 293 -4.86 21.97 10.01
N GLN C 294 -6.17 21.77 9.99
CA GLN C 294 -7.08 22.63 10.76
C GLN C 294 -6.82 22.51 12.26
N LEU C 295 -6.66 21.29 12.76
CA LEU C 295 -6.40 21.11 14.19
C LEU C 295 -5.05 21.70 14.60
N MET C 296 -4.12 21.79 13.66
CA MET C 296 -2.82 22.37 13.97
C MET C 296 -2.89 23.85 14.32
N SER C 297 -4.01 24.49 13.99
CA SER C 297 -4.21 25.91 14.30
C SER C 297 -4.61 26.10 15.75
N LEU C 298 -4.80 25.00 16.49
CA LEU C 298 -5.14 25.06 17.91
C LEU C 298 -3.93 24.75 18.81
N ALA C 299 -4.01 25.24 20.04
CA ALA C 299 -3.06 24.86 21.10
C ALA C 299 -1.61 25.13 20.73
N ALA C 300 -1.40 26.20 19.98
CA ALA C 300 -0.07 26.54 19.45
C ALA C 300 0.57 25.35 18.75
N GLY C 301 -0.24 24.53 18.09
CA GLY C 301 0.25 23.42 17.29
C GLY C 301 0.53 22.13 18.06
N ARG C 302 0.22 22.13 19.35
CA ARG C 302 0.49 20.95 20.17
C ARG C 302 -0.59 19.88 19.96
N VAL C 303 -0.34 19.02 18.97
CA VAL C 303 -1.28 17.99 18.55
C VAL C 303 -0.61 16.61 18.60
N LEU C 304 -1.30 15.65 19.22
CA LEU C 304 -0.85 14.26 19.26
C LEU C 304 -1.87 13.38 18.55
N ILE C 305 -1.44 12.75 17.47
CA ILE C 305 -2.29 11.88 16.65
C ILE C 305 -2.11 10.42 17.08
N ILE C 306 -3.17 9.82 17.59
CA ILE C 306 -3.11 8.46 18.12
C ILE C 306 -3.95 7.51 17.27
N LEU C 307 -3.32 6.48 16.72
CA LEU C 307 -4.05 5.50 15.91
C LEU C 307 -5.12 4.80 16.73
N GLU C 308 -6.34 4.77 16.20
CA GLU C 308 -7.41 3.98 16.78
C GLU C 308 -7.72 2.86 15.80
N GLY C 309 -8.91 2.89 15.19
CA GLY C 309 -9.25 1.88 14.19
C GLY C 309 -8.80 2.21 12.77
N GLY C 310 -9.40 1.54 11.79
CA GLY C 310 -8.96 1.65 10.39
C GLY C 310 -8.44 0.29 9.95
N TYR C 311 -9.06 -0.32 8.94
CA TYR C 311 -8.87 -1.75 8.68
C TYR C 311 -8.52 -2.11 7.22
N ASN C 312 -8.59 -1.13 6.32
CA ASN C 312 -8.02 -1.29 4.98
C ASN C 312 -6.55 -0.91 5.09
N LEU C 313 -5.66 -1.87 4.89
CA LEU C 313 -4.23 -1.63 5.14
C LEU C 313 -3.63 -0.54 4.25
N THR C 314 -3.99 -0.52 2.98
CA THR C 314 -3.48 0.52 2.11
C THR C 314 -4.06 1.89 2.49
N SER C 315 -5.37 1.92 2.76
CA SER C 315 -6.05 3.16 3.13
CA SER C 315 -6.04 3.17 3.12
C SER C 315 -5.48 3.80 4.39
N ILE C 316 -5.31 3.01 5.45
CA ILE C 316 -4.84 3.58 6.71
C ILE C 316 -3.39 4.01 6.59
N SER C 317 -2.61 3.32 5.76
CA SER C 317 -1.21 3.68 5.59
C SER C 317 -1.08 5.03 4.91
N GLU C 318 -1.89 5.25 3.87
CA GLU C 318 -1.84 6.52 3.15
C GLU C 318 -2.41 7.66 3.99
N SER C 319 -3.51 7.38 4.68
CA SER C 319 -4.22 8.40 5.46
C SER C 319 -3.41 8.89 6.65
N MET C 320 -2.81 7.97 7.39
CA MET C 320 -2.04 8.39 8.55
C MET C 320 -0.74 9.06 8.12
N SER C 321 -0.09 8.57 7.05
CA SER C 321 1.14 9.18 6.59
CA SER C 321 1.15 9.19 6.61
C SER C 321 0.87 10.61 6.13
N MET C 322 -0.29 10.81 5.53
CA MET C 322 -0.75 12.15 5.15
C MET C 322 -0.83 13.06 6.37
N CYS C 323 -1.33 12.55 7.48
CA CYS C 323 -1.44 13.37 8.67
C CYS C 323 -0.03 13.74 9.18
N THR C 324 0.87 12.77 9.17
CA THR C 324 2.24 13.01 9.64
C THR C 324 2.92 14.07 8.78
N SER C 325 2.70 14.00 7.47
CA SER C 325 3.21 15.02 6.54
C SER C 325 2.72 16.44 6.89
N MET C 326 1.47 16.57 7.30
CA MET C 326 0.92 17.86 7.70
C MET C 326 1.58 18.34 9.00
N LEU C 327 1.73 17.45 9.96
CA LEU C 327 2.40 17.80 11.23
C LEU C 327 3.83 18.30 10.98
N LEU C 328 4.47 17.71 9.98
CA LEU C 328 5.84 18.08 9.63
C LEU C 328 5.89 19.44 8.93
N GLY C 329 4.72 19.98 8.58
CA GLY C 329 4.62 21.31 8.01
C GLY C 329 4.45 21.37 6.51
N ASP C 330 4.28 20.21 5.86
CA ASP C 330 4.10 20.19 4.41
C ASP C 330 2.80 20.86 4.02
N SER C 331 2.76 21.46 2.82
CA SER C 331 1.55 22.12 2.35
C SER C 331 0.43 21.12 2.12
N PRO C 332 -0.80 21.47 2.54
CA PRO C 332 -1.95 20.57 2.36
C PRO C 332 -2.22 20.29 0.88
N PRO C 333 -2.58 19.04 0.57
CA PRO C 333 -2.89 18.66 -0.81
C PRO C 333 -4.28 19.14 -1.21
N SER C 334 -4.50 19.37 -2.49
CA SER C 334 -5.81 19.78 -2.96
C SER C 334 -6.86 18.70 -2.77
N LEU C 335 -8.06 19.11 -2.43
CA LEU C 335 -9.19 18.19 -2.32
C LEU C 335 -9.90 18.05 -3.66
N ASP C 336 -10.64 16.97 -3.84
CA ASP C 336 -11.57 16.86 -4.95
C ASP C 336 -12.66 17.90 -4.77
N HIS C 337 -13.44 18.13 -5.82
CA HIS C 337 -14.56 19.07 -5.72
C HIS C 337 -15.49 18.63 -4.60
N LEU C 338 -15.78 19.54 -3.68
CA LEU C 338 -16.70 19.24 -2.60
C LEU C 338 -18.15 19.38 -3.09
N THR C 339 -18.78 18.25 -3.31
CA THR C 339 -20.18 18.19 -3.68
C THR C 339 -21.06 18.73 -2.54
N PRO C 340 -22.28 19.17 -2.87
CA PRO C 340 -23.25 19.49 -1.82
C PRO C 340 -23.45 18.31 -0.86
N LEU C 341 -23.71 18.61 0.41
CA LEU C 341 -23.80 17.57 1.42
C LEU C 341 -24.98 16.64 1.22
N LYS C 342 -24.79 15.37 1.61
CA LYS C 342 -25.91 14.45 1.73
C LYS C 342 -26.94 15.11 2.64
N THR C 343 -28.21 14.99 2.28
CA THR C 343 -29.27 15.70 3.00
C THR C 343 -29.28 15.37 4.51
N SER C 344 -29.04 14.11 4.85
CA SER C 344 -29.06 13.73 6.26
C SER C 344 -27.85 14.27 7.02
N ALA C 345 -26.78 14.62 6.30
CA ALA C 345 -25.62 15.21 6.98
C ALA C 345 -25.95 16.63 7.40
N THR C 346 -26.65 17.36 6.55
CA THR C 346 -27.13 18.69 6.90
C THR C 346 -28.02 18.60 8.13
N VAL C 347 -28.90 17.59 8.12
CA VAL C 347 -29.80 17.35 9.25
C VAL C 347 -29.01 17.09 10.52
N SER C 348 -27.98 16.24 10.44
CA SER C 348 -27.13 15.95 11.60
C SER C 348 -26.45 17.21 12.15
N ILE C 349 -25.81 17.97 11.27
CA ILE C 349 -25.07 19.14 11.71
C ILE C 349 -26.00 20.17 12.38
N ASN C 350 -27.16 20.39 11.77
CA ASN C 350 -28.13 21.31 12.36
C ASN C 350 -28.64 20.82 13.72
N ASN C 351 -28.78 19.51 13.87
CA ASN C 351 -29.18 18.94 15.15
C ASN C 351 -28.13 19.17 16.24
N VAL C 352 -26.86 19.03 15.89
CA VAL C 352 -25.77 19.30 16.84
C VAL C 352 -25.68 20.79 17.16
N LEU C 353 -25.83 21.62 16.14
CA LEU C 353 -25.84 23.07 16.34
C LEU C 353 -26.94 23.49 17.31
N ARG C 354 -28.12 22.89 17.19
CA ARG C 354 -29.21 23.23 18.08
C ARG C 354 -28.90 22.78 19.51
N ALA C 355 -28.30 21.60 19.62
CA ALA C 355 -27.98 21.01 20.92
C ALA C 355 -26.89 21.77 21.68
N HIS C 356 -25.95 22.38 20.97
CA HIS C 356 -24.82 23.01 21.64
C HIS C 356 -24.77 24.52 21.56
N ALA C 357 -25.69 25.11 20.81
CA ALA C 357 -25.84 26.57 20.80
C ALA C 357 -25.99 27.18 22.20
N PRO C 358 -26.74 26.51 23.12
CA PRO C 358 -26.81 27.09 24.47
C PRO C 358 -25.47 27.16 25.23
N PHE C 359 -24.45 26.43 24.77
CA PHE C 359 -23.21 26.33 25.53
C PHE C 359 -22.04 27.05 24.90
N TRP C 360 -22.16 27.42 23.63
CA TRP C 360 -21.04 27.97 22.90
C TRP C 360 -21.48 29.20 22.11
N SER C 361 -21.02 30.36 22.55
CA SER C 361 -21.42 31.63 21.93
CA SER C 361 -21.42 31.63 21.93
C SER C 361 -21.04 31.68 20.46
N SER C 362 -19.99 30.97 20.09
CA SER C 362 -19.53 30.95 18.71
C SER C 362 -20.49 30.21 17.77
N LEU C 363 -21.48 29.52 18.32
CA LEU C 363 -22.47 28.82 17.49
C LEU C 363 -23.74 29.63 17.37
N ARG C 364 -23.89 30.63 18.23
CA ARG C 364 -25.09 31.46 18.25
C ARG C 364 -24.95 32.60 17.27
N ARG D 1 -24.48 -7.46 17.38
CA ARG D 1 -23.78 -6.73 18.42
C ARG D 1 -22.27 -6.83 18.25
N GLY D 2 -21.82 -7.28 17.09
CA GLY D 2 -20.40 -7.44 16.84
C GLY D 2 -19.82 -6.28 16.06
#